data_4YKE
#
_entry.id   4YKE
#
_cell.length_a   56.722
_cell.length_b   56.555
_cell.length_c   304.562
_cell.angle_alpha   90.00
_cell.angle_beta   90.00
_cell.angle_gamma   90.00
#
_symmetry.space_group_name_H-M   'P 21 21 21'
#
loop_
_entity.id
_entity.type
_entity.pdbx_description
1 polymer Mre11
2 non-polymer 'MANGANESE (II) ION'
3 water water
#
_entity_poly.entity_id   1
_entity_poly.type   'polypeptide(L)'
_entity_poly.pdbx_seq_one_letter_code
;MPQTAGPDTIRILVSTDNHVGYEERDPIRKDDSWRTFDEIMQLARTKDVDMVLLGGDLFHDNKPSRKAMYQVMRSLRKNC
LGMKPCELEFLSDPAEVFEGAFPHVNYYDPDINVSIPVFSIHGNHDDPSGDGHLCSLDLLQVAGLVNYFGRVPEADNIHV
KPILLQKGKTKLALYGMSNVRDERIHRTFRDNKVRFYRPSQQTGDWFNLLTLHQNHYAHTPTGYLSENMLPDFLDLVIWG
HEHECLIDPKKNPETGFHVMQPGSSIATSLVPGEAVPKHIAILSITGKSFEVEKIPLRTVRPFVIREITLATDKRFKGLE
KKQDNRQEVTKRLMQIVEEMIAEANEMWRSLHEDSQDDEDEEQPLPLIRLKVEYSSPEGTKFEVENPQRFSNRFAGKVAN
QNDVVHFYRKKTGTTRKPKEGKRELPEGIAEALEDSDSISVDALVQEFFAQQSLKILPQAPFGDAVNQFVSKDDKHAVEM
FVMDSLSSQVRGLLQLDDDKINEGLDSHIEDFRKVMEKNFLSGQQKQAQRRRRFKEKAAALEHHHHHH
;
_entity_poly.pdbx_strand_id   A,B
#
loop_
_chem_comp.id
_chem_comp.type
_chem_comp.name
_chem_comp.formula
MN non-polymer 'MANGANESE (II) ION' 'Mn 2'
#
# COMPACT_ATOMS: atom_id res chain seq x y z
N THR A 4 -19.52 -17.27 -26.38
CA THR A 4 -20.80 -16.90 -26.97
C THR A 4 -21.79 -16.46 -25.89
N ALA A 5 -22.43 -15.32 -26.10
CA ALA A 5 -23.32 -14.77 -25.09
C ALA A 5 -24.29 -13.74 -25.64
N GLY A 6 -25.52 -13.81 -25.16
CA GLY A 6 -26.51 -12.79 -25.43
C GLY A 6 -26.85 -12.08 -24.14
N PRO A 7 -27.90 -11.25 -24.15
CA PRO A 7 -28.34 -10.47 -22.98
C PRO A 7 -28.71 -11.33 -21.77
N ASP A 8 -28.90 -12.63 -21.95
CA ASP A 8 -29.30 -13.49 -20.85
C ASP A 8 -28.19 -14.45 -20.44
N THR A 9 -27.08 -14.41 -21.17
CA THR A 9 -25.90 -15.20 -20.83
C THR A 9 -24.87 -14.33 -20.11
N ILE A 10 -24.46 -14.77 -18.92
CA ILE A 10 -23.51 -14.01 -18.13
C ILE A 10 -22.07 -14.50 -18.33
N ARG A 11 -21.26 -13.69 -18.98
CA ARG A 11 -19.86 -14.01 -19.18
C ARG A 11 -19.08 -13.67 -17.92
N ILE A 12 -18.43 -14.67 -17.34
CA ILE A 12 -17.60 -14.47 -16.16
C ILE A 12 -16.18 -14.97 -16.39
N LEU A 13 -15.20 -14.14 -16.04
CA LEU A 13 -13.80 -14.54 -16.15
C LEU A 13 -13.33 -15.09 -14.80
N VAL A 14 -12.73 -16.27 -14.84
CA VAL A 14 -12.31 -16.94 -13.61
C VAL A 14 -10.80 -17.10 -13.52
N SER A 15 -10.23 -16.67 -12.41
CA SER A 15 -8.79 -16.81 -12.18
C SER A 15 -8.50 -16.92 -10.70
N THR A 16 -7.31 -17.42 -10.35
CA THR A 16 -6.93 -17.55 -8.95
C THR A 16 -5.41 -17.68 -8.82
N ASP A 17 -4.92 -17.41 -7.60
CA ASP A 17 -3.49 -17.51 -7.28
C ASP A 17 -2.62 -16.78 -8.29
N ASN A 18 -2.82 -15.48 -8.43
CA ASN A 18 -1.97 -14.69 -9.30
C ASN A 18 -0.63 -14.46 -8.64
N HIS A 19 -0.63 -14.53 -7.30
CA HIS A 19 0.58 -14.41 -6.48
C HIS A 19 1.48 -13.27 -6.92
N VAL A 20 0.87 -12.12 -7.17
CA VAL A 20 1.59 -10.94 -7.60
C VAL A 20 2.60 -10.54 -6.52
N GLY A 21 3.88 -10.68 -6.84
CA GLY A 21 4.94 -10.39 -5.90
C GLY A 21 5.94 -11.52 -5.82
N TYR A 22 5.65 -12.61 -6.52
CA TYR A 22 6.51 -13.78 -6.50
C TYR A 22 7.76 -13.54 -7.33
N GLU A 23 8.93 -13.77 -6.73
CA GLU A 23 10.21 -13.56 -7.39
C GLU A 23 10.37 -12.16 -7.96
N GLU A 24 9.94 -11.17 -7.18
CA GLU A 24 10.12 -9.78 -7.58
C GLU A 24 11.59 -9.41 -7.61
N ARG A 25 12.37 -10.06 -6.75
CA ARG A 25 13.78 -9.73 -6.59
C ARG A 25 14.68 -10.60 -7.45
N ASP A 26 14.09 -11.43 -8.30
CA ASP A 26 14.86 -12.25 -9.23
C ASP A 26 15.11 -11.48 -10.53
N PRO A 27 16.39 -11.30 -10.89
CA PRO A 27 16.78 -10.49 -12.06
C PRO A 27 16.18 -10.97 -13.36
N ILE A 28 16.08 -12.28 -13.54
CA ILE A 28 15.57 -12.85 -14.78
C ILE A 28 14.04 -12.85 -14.83
N ARG A 29 13.43 -13.24 -13.72
CA ARG A 29 12.01 -13.57 -13.70
C ARG A 29 11.17 -12.61 -12.86
N LYS A 30 11.60 -11.34 -12.76
CA LYS A 30 10.94 -10.39 -11.88
C LYS A 30 9.57 -9.95 -12.36
N ASP A 31 9.39 -9.90 -13.68
CA ASP A 31 8.19 -9.31 -14.26
C ASP A 31 7.13 -10.33 -14.63
N ASP A 32 7.44 -11.62 -14.50
CA ASP A 32 6.50 -12.68 -14.81
C ASP A 32 5.25 -12.58 -13.93
N SER A 33 5.42 -12.01 -12.74
CA SER A 33 4.36 -11.97 -11.74
C SER A 33 3.16 -11.12 -12.18
N TRP A 34 3.43 -9.89 -12.62
CA TRP A 34 2.39 -8.91 -12.87
C TRP A 34 1.99 -8.84 -14.34
N ARG A 35 2.94 -9.11 -15.23
CA ARG A 35 2.67 -9.08 -16.66
C ARG A 35 1.66 -10.15 -17.03
N THR A 36 1.68 -11.26 -16.29
CA THR A 36 0.73 -12.34 -16.51
C THR A 36 -0.64 -11.94 -15.99
N PHE A 37 -0.66 -11.25 -14.86
CA PHE A 37 -1.90 -10.78 -14.26
C PHE A 37 -2.54 -9.70 -15.12
N ASP A 38 -1.70 -8.93 -15.80
CA ASP A 38 -2.20 -7.89 -16.69
C ASP A 38 -2.87 -8.50 -17.91
N GLU A 39 -2.35 -9.65 -18.34
CA GLU A 39 -2.95 -10.37 -19.45
C GLU A 39 -4.37 -10.79 -19.09
N ILE A 40 -4.53 -11.24 -17.85
CA ILE A 40 -5.84 -11.63 -17.33
C ILE A 40 -6.83 -10.47 -17.45
N MET A 41 -6.42 -9.30 -16.98
CA MET A 41 -7.29 -8.13 -16.96
C MET A 41 -7.63 -7.63 -18.36
N GLN A 42 -6.64 -7.65 -19.25
CA GLN A 42 -6.85 -7.22 -20.62
C GLN A 42 -7.81 -8.14 -21.36
N LEU A 43 -7.79 -9.42 -21.00
CA LEU A 43 -8.71 -10.39 -21.58
C LEU A 43 -10.15 -10.09 -21.21
N ALA A 44 -10.36 -9.74 -19.94
CA ALA A 44 -11.69 -9.37 -19.45
C ALA A 44 -12.27 -8.23 -20.26
N ARG A 45 -11.42 -7.30 -20.64
CA ARG A 45 -11.83 -6.17 -21.48
C ARG A 45 -11.92 -6.61 -22.94
N THR A 46 -11.00 -7.46 -23.36
CA THR A 46 -10.98 -7.97 -24.74
C THR A 46 -12.16 -8.88 -25.02
N LYS A 47 -12.31 -9.92 -24.19
CA LYS A 47 -13.42 -10.86 -24.32
C LYS A 47 -14.76 -10.22 -23.98
N ASP A 48 -14.70 -9.03 -23.40
CA ASP A 48 -15.88 -8.29 -22.99
C ASP A 48 -16.77 -9.15 -22.08
N VAL A 49 -16.18 -9.66 -21.01
CA VAL A 49 -16.92 -10.39 -20.01
C VAL A 49 -17.80 -9.45 -19.20
N ASP A 50 -18.77 -10.00 -18.49
CA ASP A 50 -19.65 -9.16 -17.69
C ASP A 50 -19.04 -8.91 -16.31
N MET A 51 -18.15 -9.81 -15.88
CA MET A 51 -17.47 -9.68 -14.60
C MET A 51 -16.24 -10.57 -14.50
N VAL A 52 -15.49 -10.40 -13.42
CA VAL A 52 -14.32 -11.23 -13.13
C VAL A 52 -14.44 -11.77 -11.73
N LEU A 53 -14.08 -13.03 -11.55
CA LEU A 53 -14.11 -13.66 -10.23
C LEU A 53 -12.75 -14.24 -9.85
N LEU A 54 -12.14 -13.69 -8.80
CA LEU A 54 -10.83 -14.14 -8.36
C LEU A 54 -10.90 -15.06 -7.13
N GLY A 55 -10.12 -16.13 -7.16
CA GLY A 55 -10.19 -17.15 -6.11
C GLY A 55 -9.32 -16.89 -4.89
N GLY A 56 -8.47 -15.87 -4.96
CA GLY A 56 -7.60 -15.53 -3.85
C GLY A 56 -6.11 -15.57 -4.19
N ASP A 57 -5.28 -15.36 -3.17
CA ASP A 57 -3.83 -15.33 -3.33
C ASP A 57 -3.39 -14.37 -4.43
N LEU A 58 -4.11 -13.27 -4.57
CA LEU A 58 -3.78 -12.25 -5.56
C LEU A 58 -2.35 -11.75 -5.36
N PHE A 59 -1.97 -11.58 -4.09
CA PHE A 59 -0.60 -11.24 -3.74
C PHE A 59 0.14 -12.45 -3.19
N HIS A 60 1.43 -12.53 -3.48
CA HIS A 60 2.27 -13.58 -2.93
C HIS A 60 2.65 -13.24 -1.50
N ASP A 61 2.70 -11.95 -1.20
CA ASP A 61 3.07 -11.48 0.13
C ASP A 61 1.89 -10.90 0.89
N ASN A 62 1.91 -11.05 2.21
CA ASN A 62 0.89 -10.46 3.06
C ASN A 62 0.98 -8.94 3.02
N LYS A 63 2.22 -8.43 3.09
CA LYS A 63 2.48 -7.02 2.90
C LYS A 63 3.19 -6.85 1.56
N PRO A 64 2.41 -6.54 0.50
CA PRO A 64 2.97 -6.36 -0.84
C PRO A 64 3.91 -5.15 -0.90
N SER A 65 4.97 -5.26 -1.69
CA SER A 65 5.87 -4.14 -1.91
C SER A 65 5.14 -3.04 -2.69
N ARG A 66 5.70 -1.85 -2.72
CA ARG A 66 5.08 -0.73 -3.39
C ARG A 66 4.95 -0.97 -4.89
N LYS A 67 5.88 -1.73 -5.46
CA LYS A 67 5.83 -2.06 -6.88
C LYS A 67 4.72 -3.06 -7.17
N ALA A 68 4.56 -4.04 -6.28
CA ALA A 68 3.53 -5.06 -6.44
C ALA A 68 2.13 -4.45 -6.39
N MET A 69 1.93 -3.53 -5.45
CA MET A 69 0.64 -2.88 -5.28
C MET A 69 0.35 -1.93 -6.46
N TYR A 70 1.41 -1.29 -6.96
CA TYR A 70 1.27 -0.35 -8.08
C TYR A 70 0.83 -1.06 -9.35
N GLN A 71 1.45 -2.19 -9.66
CA GLN A 71 1.19 -2.90 -10.91
C GLN A 71 -0.20 -3.52 -10.90
N VAL A 72 -0.65 -3.94 -9.72
CA VAL A 72 -2.01 -4.44 -9.57
C VAL A 72 -3.00 -3.29 -9.78
N MET A 73 -2.82 -2.21 -9.02
CA MET A 73 -3.66 -1.02 -9.16
C MET A 73 -3.70 -0.50 -10.60
N ARG A 74 -2.57 -0.58 -11.29
CA ARG A 74 -2.48 -0.11 -12.66
C ARG A 74 -3.35 -0.94 -13.59
N SER A 75 -3.27 -2.27 -13.46
CA SER A 75 -4.06 -3.16 -14.29
C SER A 75 -5.55 -3.03 -14.02
N LEU A 76 -5.90 -2.75 -12.77
CA LEU A 76 -7.30 -2.62 -12.41
C LEU A 76 -7.92 -1.34 -12.98
N ARG A 77 -7.21 -0.23 -12.86
CA ARG A 77 -7.72 1.05 -13.35
C ARG A 77 -7.88 1.08 -14.87
N LYS A 78 -6.93 0.47 -15.57
CA LYS A 78 -6.92 0.51 -17.03
C LYS A 78 -8.00 -0.34 -17.69
N ASN A 79 -8.31 -1.49 -17.07
CA ASN A 79 -9.20 -2.46 -17.70
C ASN A 79 -10.61 -2.48 -17.14
N CYS A 80 -10.77 -2.02 -15.89
CA CYS A 80 -12.06 -2.12 -15.22
C CYS A 80 -12.79 -0.79 -15.07
N LEU A 81 -12.18 0.30 -15.52
CA LEU A 81 -12.87 1.58 -15.55
C LEU A 81 -13.15 1.98 -17.00
N GLY A 82 -14.38 2.44 -17.25
CA GLY A 82 -14.77 2.82 -18.59
C GLY A 82 -16.15 3.43 -18.67
N MET A 83 -16.56 3.75 -19.90
CA MET A 83 -17.86 4.38 -20.15
C MET A 83 -18.97 3.36 -20.32
N LYS A 84 -18.61 2.14 -20.69
CA LYS A 84 -19.59 1.07 -20.86
C LYS A 84 -20.33 0.81 -19.56
N PRO A 85 -21.66 0.63 -19.66
CA PRO A 85 -22.48 0.38 -18.46
C PRO A 85 -22.44 -1.09 -18.04
N CYS A 86 -22.69 -1.34 -16.76
CA CYS A 86 -22.76 -2.71 -16.25
C CYS A 86 -24.19 -3.23 -16.31
N GLU A 87 -24.38 -4.33 -17.02
CA GLU A 87 -25.72 -4.89 -17.24
C GLU A 87 -26.22 -5.71 -16.05
N LEU A 88 -25.52 -5.60 -14.92
CA LEU A 88 -25.87 -6.37 -13.72
C LEU A 88 -26.63 -5.51 -12.71
N GLU A 89 -27.48 -6.14 -11.91
CA GLU A 89 -28.22 -5.45 -10.87
C GLU A 89 -27.94 -6.06 -9.49
N PHE A 90 -27.76 -5.19 -8.50
CA PHE A 90 -27.41 -5.63 -7.15
C PHE A 90 -28.66 -5.77 -6.30
N LEU A 91 -29.09 -7.01 -6.07
CA LEU A 91 -30.32 -7.29 -5.34
C LEU A 91 -30.05 -7.51 -3.86
N SER A 92 -28.93 -8.15 -3.54
CA SER A 92 -28.61 -8.47 -2.17
C SER A 92 -28.39 -7.22 -1.30
N ASP A 93 -28.30 -7.42 0.01
CA ASP A 93 -28.11 -6.33 0.94
C ASP A 93 -26.66 -5.84 0.90
N PRO A 94 -26.47 -4.56 0.56
CA PRO A 94 -25.15 -3.93 0.54
C PRO A 94 -24.51 -3.87 1.92
N ALA A 95 -25.35 -3.75 2.96
CA ALA A 95 -24.86 -3.55 4.32
C ALA A 95 -24.13 -4.77 4.87
N GLU A 96 -24.54 -5.96 4.42
CA GLU A 96 -23.98 -7.20 4.95
C GLU A 96 -22.51 -7.40 4.57
N VAL A 97 -22.13 -6.98 3.37
CA VAL A 97 -20.76 -7.24 2.91
C VAL A 97 -19.96 -5.97 2.63
N PHE A 98 -20.59 -4.81 2.80
CA PHE A 98 -19.89 -3.53 2.57
C PHE A 98 -19.95 -2.62 3.80
N GLU A 99 -18.79 -2.16 4.23
CA GLU A 99 -18.68 -1.36 5.43
C GLU A 99 -19.31 0.02 5.27
N GLY A 100 -19.37 0.75 6.38
CA GLY A 100 -19.96 2.08 6.41
C GLY A 100 -19.17 3.12 5.66
N ALA A 101 -17.94 2.78 5.30
CA ALA A 101 -17.10 3.66 4.50
C ALA A 101 -17.75 3.92 3.15
N PHE A 102 -17.96 2.84 2.40
CA PHE A 102 -18.68 2.92 1.13
C PHE A 102 -19.59 1.70 1.01
N PRO A 103 -20.81 1.82 1.57
CA PRO A 103 -21.79 0.75 1.72
C PRO A 103 -22.27 0.14 0.41
N HIS A 104 -22.06 0.86 -0.69
CA HIS A 104 -22.53 0.40 -1.99
C HIS A 104 -21.48 -0.40 -2.72
N VAL A 105 -21.88 -1.07 -3.79
CA VAL A 105 -20.93 -1.76 -4.65
C VAL A 105 -20.13 -0.71 -5.39
N ASN A 106 -18.93 -1.07 -5.86
CA ASN A 106 -18.04 -0.08 -6.47
C ASN A 106 -18.57 0.51 -7.78
N TYR A 107 -19.42 -0.25 -8.48
CA TYR A 107 -19.95 0.25 -9.75
C TYR A 107 -21.31 0.94 -9.57
N TYR A 108 -21.82 0.91 -8.35
CA TYR A 108 -22.98 1.71 -7.97
C TYR A 108 -22.51 3.01 -7.32
N ASP A 109 -21.24 3.32 -7.52
CA ASP A 109 -20.66 4.54 -6.96
C ASP A 109 -20.85 5.69 -7.94
N PRO A 110 -21.24 6.86 -7.41
CA PRO A 110 -21.54 8.03 -8.25
C PRO A 110 -20.32 8.68 -8.91
N ASP A 111 -19.19 8.71 -8.21
CA ASP A 111 -18.03 9.47 -8.69
C ASP A 111 -16.98 8.62 -9.38
N ILE A 112 -17.16 7.31 -9.40
CA ILE A 112 -16.19 6.42 -10.03
C ILE A 112 -16.87 5.48 -11.04
N ASN A 113 -16.56 5.63 -12.32
CA ASN A 113 -17.17 4.83 -13.37
C ASN A 113 -16.47 3.49 -13.57
N VAL A 114 -17.10 2.42 -13.06
CA VAL A 114 -16.57 1.07 -13.21
C VAL A 114 -17.25 0.37 -14.39
N SER A 115 -16.44 -0.16 -15.29
CA SER A 115 -16.93 -0.84 -16.47
C SER A 115 -17.10 -2.34 -16.23
N ILE A 116 -16.08 -2.97 -15.67
CA ILE A 116 -16.12 -4.40 -15.35
C ILE A 116 -15.75 -4.63 -13.88
N PRO A 117 -16.74 -4.97 -13.05
CA PRO A 117 -16.55 -5.13 -11.59
C PRO A 117 -15.76 -6.38 -11.22
N VAL A 118 -14.91 -6.25 -10.20
CA VAL A 118 -14.09 -7.37 -9.76
C VAL A 118 -14.53 -7.85 -8.37
N PHE A 119 -14.80 -9.15 -8.26
CA PHE A 119 -15.13 -9.78 -6.98
C PHE A 119 -14.03 -10.75 -6.57
N SER A 120 -13.56 -10.64 -5.34
CA SER A 120 -12.45 -11.46 -4.89
C SER A 120 -12.53 -11.81 -3.40
N ILE A 121 -12.04 -13.00 -3.07
CA ILE A 121 -11.89 -13.43 -1.68
C ILE A 121 -10.40 -13.44 -1.33
N HIS A 122 -10.07 -13.48 -0.04
CA HIS A 122 -8.66 -13.45 0.33
C HIS A 122 -8.14 -14.88 0.51
N GLY A 123 -6.93 -15.11 0.00
CA GLY A 123 -6.32 -16.41 0.09
C GLY A 123 -5.46 -16.54 1.33
N ASN A 124 -4.55 -17.51 1.33
CA ASN A 124 -3.67 -17.71 2.48
C ASN A 124 -2.58 -16.64 2.59
N HIS A 125 -2.00 -16.25 1.45
CA HIS A 125 -0.99 -15.19 1.44
C HIS A 125 -1.65 -13.82 1.55
N ASP A 126 -2.84 -13.73 0.97
CA ASP A 126 -3.58 -12.47 0.88
C ASP A 126 -4.29 -12.14 2.20
N ASP A 127 -4.33 -13.12 3.10
CA ASP A 127 -5.11 -13.03 4.34
C ASP A 127 -4.88 -11.76 5.15
N PRO A 128 -5.88 -11.35 5.94
CA PRO A 128 -5.81 -10.18 6.82
C PRO A 128 -4.82 -10.37 7.98
N SER A 129 -4.17 -9.28 8.36
CA SER A 129 -3.24 -9.29 9.48
C SER A 129 -3.01 -7.86 9.98
N GLY A 130 -2.72 -7.73 11.26
CA GLY A 130 -2.39 -6.43 11.83
C GLY A 130 -3.45 -5.85 12.75
N ASP A 131 -3.44 -4.53 12.86
CA ASP A 131 -4.30 -3.82 13.80
C ASP A 131 -5.76 -3.77 13.38
N GLY A 132 -6.02 -3.25 12.19
CA GLY A 132 -7.39 -3.10 11.70
C GLY A 132 -7.99 -4.40 11.18
N HIS A 133 -7.21 -5.48 11.27
CA HIS A 133 -7.60 -6.79 10.74
C HIS A 133 -7.90 -6.68 9.26
N LEU A 134 -7.18 -5.78 8.59
CA LEU A 134 -7.38 -5.51 7.17
C LEU A 134 -6.34 -6.26 6.34
N CYS A 135 -6.70 -6.59 5.10
CA CYS A 135 -5.76 -7.20 4.17
C CYS A 135 -5.53 -6.28 2.98
N SER A 136 -4.84 -6.78 1.95
CA SER A 136 -4.53 -5.97 0.79
C SER A 136 -5.77 -5.68 -0.05
N LEU A 137 -6.80 -6.51 0.09
CA LEU A 137 -8.03 -6.35 -0.66
C LEU A 137 -8.89 -5.21 -0.14
N ASP A 138 -8.70 -4.86 1.12
CA ASP A 138 -9.47 -3.79 1.74
C ASP A 138 -9.01 -2.44 1.21
N LEU A 139 -7.75 -2.38 0.78
CA LEU A 139 -7.20 -1.16 0.21
C LEU A 139 -7.66 -0.99 -1.23
N LEU A 140 -7.71 -2.10 -1.98
CA LEU A 140 -8.19 -2.07 -3.34
C LEU A 140 -9.69 -1.79 -3.37
N GLN A 141 -10.37 -2.17 -2.30
CA GLN A 141 -11.80 -1.93 -2.20
C GLN A 141 -12.08 -0.47 -1.87
N VAL A 142 -11.29 0.09 -0.97
CA VAL A 142 -11.45 1.49 -0.59
C VAL A 142 -10.87 2.40 -1.67
N ALA A 143 -10.07 1.83 -2.57
CA ALA A 143 -9.62 2.56 -3.76
C ALA A 143 -10.71 2.50 -4.81
N GLY A 144 -11.70 1.63 -4.58
CA GLY A 144 -12.85 1.50 -5.47
C GLY A 144 -12.56 0.62 -6.67
N LEU A 145 -11.55 -0.23 -6.54
CA LEU A 145 -11.11 -1.06 -7.65
C LEU A 145 -11.62 -2.50 -7.53
N VAL A 146 -11.85 -2.95 -6.29
CA VAL A 146 -12.22 -4.33 -6.04
C VAL A 146 -13.37 -4.41 -5.04
N ASN A 147 -14.26 -5.40 -5.22
CA ASN A 147 -15.26 -5.72 -4.20
C ASN A 147 -14.84 -6.95 -3.40
N TYR A 148 -14.55 -6.75 -2.12
CA TYR A 148 -14.07 -7.84 -1.27
C TYR A 148 -15.22 -8.43 -0.46
N PHE A 149 -15.58 -9.67 -0.79
CA PHE A 149 -16.68 -10.37 -0.13
C PHE A 149 -16.23 -11.67 0.52
N GLY A 150 -17.12 -12.28 1.29
CA GLY A 150 -16.84 -13.56 1.91
C GLY A 150 -15.87 -13.45 3.07
N ARG A 151 -15.96 -12.36 3.82
CA ARG A 151 -15.15 -12.22 5.02
C ARG A 151 -15.56 -13.27 6.05
N VAL A 152 -14.59 -13.87 6.71
CA VAL A 152 -14.88 -14.83 7.77
C VAL A 152 -14.39 -14.29 9.11
N PRO A 153 -15.24 -13.49 9.78
CA PRO A 153 -14.88 -12.88 11.06
C PRO A 153 -14.59 -13.93 12.12
N GLU A 154 -15.53 -14.84 12.33
CA GLU A 154 -15.36 -15.90 13.30
C GLU A 154 -15.11 -17.24 12.62
N ALA A 155 -13.97 -17.85 12.90
CA ALA A 155 -13.68 -19.18 12.38
C ALA A 155 -14.57 -20.21 13.07
N ASP A 156 -14.86 -19.97 14.33
CA ASP A 156 -15.73 -20.84 15.12
C ASP A 156 -17.13 -20.87 14.53
N ASN A 157 -17.85 -19.76 14.63
CA ASN A 157 -19.19 -19.66 14.07
C ASN A 157 -19.16 -18.98 12.70
N ILE A 158 -19.63 -19.68 11.68
CA ILE A 158 -19.56 -19.17 10.31
C ILE A 158 -20.93 -19.00 9.66
N HIS A 159 -21.27 -17.76 9.31
CA HIS A 159 -22.47 -17.48 8.55
C HIS A 159 -22.08 -17.05 7.15
N VAL A 160 -22.62 -17.74 6.15
CA VAL A 160 -22.27 -17.46 4.76
C VAL A 160 -23.46 -16.91 3.99
N LYS A 161 -23.49 -15.59 3.82
CA LYS A 161 -24.57 -14.93 3.11
C LYS A 161 -24.16 -14.60 1.68
N PRO A 162 -25.08 -14.79 0.72
CA PRO A 162 -24.76 -14.68 -0.69
C PRO A 162 -24.92 -13.29 -1.27
N ILE A 163 -24.14 -13.01 -2.32
CA ILE A 163 -24.36 -11.82 -3.13
C ILE A 163 -25.26 -12.19 -4.31
N LEU A 164 -26.39 -11.51 -4.43
CA LEU A 164 -27.40 -11.86 -5.41
C LEU A 164 -27.37 -10.92 -6.61
N LEU A 165 -27.10 -11.48 -7.79
CA LEU A 165 -26.95 -10.69 -9.00
C LEU A 165 -27.79 -11.27 -10.13
N GLN A 166 -28.33 -10.40 -10.98
CA GLN A 166 -29.23 -10.82 -12.04
C GLN A 166 -29.01 -10.07 -13.36
N LYS A 167 -28.83 -10.82 -14.45
CA LYS A 167 -28.74 -10.23 -15.79
C LYS A 167 -29.87 -10.73 -16.67
N GLY A 168 -30.78 -9.82 -17.04
CA GLY A 168 -31.92 -10.16 -17.87
C GLY A 168 -32.86 -11.10 -17.15
N LYS A 169 -33.04 -12.30 -17.70
CA LYS A 169 -33.90 -13.30 -17.09
C LYS A 169 -33.08 -14.26 -16.22
N THR A 170 -31.76 -14.10 -16.26
CA THR A 170 -30.84 -15.01 -15.57
C THR A 170 -30.50 -14.51 -14.16
N LYS A 171 -30.77 -15.34 -13.15
CA LYS A 171 -30.48 -15.00 -11.76
C LYS A 171 -29.33 -15.83 -11.20
N LEU A 172 -28.43 -15.19 -10.47
CA LEU A 172 -27.25 -15.85 -9.94
C LEU A 172 -26.99 -15.50 -8.47
N ALA A 173 -26.88 -16.53 -7.64
CA ALA A 173 -26.52 -16.34 -6.23
C ALA A 173 -25.03 -16.61 -6.06
N LEU A 174 -24.30 -15.59 -5.61
CA LEU A 174 -22.85 -15.68 -5.52
C LEU A 174 -22.39 -15.90 -4.07
N TYR A 175 -21.93 -17.11 -3.80
CA TYR A 175 -21.44 -17.49 -2.46
C TYR A 175 -19.93 -17.38 -2.39
N GLY A 176 -19.43 -16.84 -1.28
CA GLY A 176 -18.01 -16.65 -1.12
C GLY A 176 -17.50 -17.02 0.26
N MET A 177 -16.33 -17.65 0.29
CA MET A 177 -15.70 -18.02 1.55
C MET A 177 -14.19 -17.80 1.48
N SER A 178 -13.69 -16.95 2.37
CA SER A 178 -12.28 -16.62 2.38
C SER A 178 -11.48 -17.76 3.03
N ASN A 179 -10.18 -17.78 2.79
CA ASN A 179 -9.35 -18.88 3.28
C ASN A 179 -9.24 -18.91 4.79
N VAL A 180 -9.47 -20.09 5.35
CA VAL A 180 -9.27 -20.37 6.77
C VAL A 180 -8.27 -21.52 6.90
N ARG A 181 -7.53 -21.55 8.00
CA ARG A 181 -6.55 -22.61 8.25
C ARG A 181 -7.15 -24.01 8.03
N ASP A 182 -6.45 -24.82 7.25
CA ASP A 182 -6.98 -26.09 6.77
C ASP A 182 -7.32 -27.09 7.89
N GLU A 183 -6.51 -27.08 8.95
CA GLU A 183 -6.72 -28.00 10.06
C GLU A 183 -7.93 -27.58 10.92
N ARG A 184 -8.16 -26.28 11.02
CA ARG A 184 -9.27 -25.78 11.84
C ARG A 184 -10.59 -25.84 11.10
N ILE A 185 -10.61 -25.34 9.87
CA ILE A 185 -11.83 -25.32 9.06
C ILE A 185 -12.36 -26.72 8.82
N HIS A 186 -11.49 -27.71 8.92
CA HIS A 186 -11.90 -29.11 8.78
C HIS A 186 -12.83 -29.51 9.91
N ARG A 187 -12.63 -28.92 11.09
CA ARG A 187 -13.36 -29.32 12.29
C ARG A 187 -14.63 -28.51 12.54
N THR A 188 -14.62 -27.23 12.15
CA THR A 188 -15.80 -26.38 12.30
C THR A 188 -16.92 -26.87 11.39
N PHE A 189 -16.55 -27.36 10.22
CA PHE A 189 -17.52 -27.97 9.31
C PHE A 189 -18.13 -29.22 9.94
N ARG A 190 -17.29 -30.04 10.59
CA ARG A 190 -17.75 -31.28 11.20
C ARG A 190 -18.77 -31.02 12.29
N ASP A 191 -18.63 -29.89 12.96
CA ASP A 191 -19.53 -29.52 14.05
C ASP A 191 -20.74 -28.75 13.53
N ASN A 192 -20.89 -28.70 12.21
CA ASN A 192 -22.01 -28.02 11.58
C ASN A 192 -22.12 -26.56 12.01
N LYS A 193 -20.96 -25.93 12.21
CA LYS A 193 -20.91 -24.57 12.71
C LYS A 193 -21.17 -23.54 11.63
N VAL A 194 -21.08 -23.97 10.37
CA VAL A 194 -21.25 -23.07 9.25
C VAL A 194 -22.66 -23.18 8.65
N ARG A 195 -23.32 -22.03 8.51
CA ARG A 195 -24.67 -21.99 7.94
C ARG A 195 -24.72 -21.18 6.65
N PHE A 196 -25.22 -21.81 5.59
CA PHE A 196 -25.42 -21.14 4.30
C PHE A 196 -26.79 -20.48 4.24
N TYR A 197 -26.80 -19.14 4.19
CA TYR A 197 -28.05 -18.40 4.08
C TYR A 197 -28.62 -18.51 2.68
N ARG A 198 -29.94 -18.52 2.57
CA ARG A 198 -30.60 -18.73 1.29
C ARG A 198 -31.62 -17.64 0.98
N PRO A 199 -31.86 -17.40 -0.32
CA PRO A 199 -32.94 -16.49 -0.73
C PRO A 199 -34.29 -17.20 -0.79
N THR A 203 -38.88 -16.46 -4.32
CA THR A 203 -37.59 -17.00 -4.73
C THR A 203 -37.64 -17.45 -6.19
N GLY A 204 -36.49 -17.85 -6.72
CA GLY A 204 -36.42 -18.39 -8.06
C GLY A 204 -35.44 -19.55 -8.10
N ASP A 205 -35.27 -20.14 -9.27
CA ASP A 205 -34.29 -21.20 -9.44
C ASP A 205 -32.90 -20.59 -9.61
N TRP A 206 -32.39 -20.01 -8.54
CA TRP A 206 -31.09 -19.35 -8.54
C TRP A 206 -29.94 -20.30 -8.88
N PHE A 207 -29.10 -19.89 -9.82
CA PHE A 207 -27.84 -20.59 -10.07
C PHE A 207 -26.91 -20.30 -8.90
N ASN A 208 -26.53 -21.33 -8.16
CA ASN A 208 -25.71 -21.13 -6.96
C ASN A 208 -24.23 -21.36 -7.25
N LEU A 209 -23.41 -20.37 -6.92
CA LEU A 209 -21.98 -20.44 -7.20
C LEU A 209 -21.14 -20.15 -5.97
N LEU A 210 -20.18 -21.03 -5.71
CA LEU A 210 -19.31 -20.91 -4.54
C LEU A 210 -17.83 -20.86 -4.94
N THR A 211 -17.06 -20.03 -4.26
CA THR A 211 -15.61 -19.99 -4.46
C THR A 211 -14.89 -20.06 -3.10
N LEU A 212 -13.92 -20.95 -2.99
CA LEU A 212 -13.19 -21.15 -1.74
C LEU A 212 -11.69 -21.22 -1.99
N HIS A 213 -10.92 -21.26 -0.90
CA HIS A 213 -9.46 -21.24 -0.98
C HIS A 213 -8.85 -22.23 0.03
N GLN A 214 -9.00 -23.53 -0.25
CA GLN A 214 -8.51 -24.56 0.66
C GLN A 214 -7.75 -25.65 -0.07
N ASN A 215 -7.01 -26.47 0.69
CA ASN A 215 -6.36 -27.65 0.14
C ASN A 215 -7.40 -28.60 -0.41
N HIS A 216 -7.18 -29.08 -1.62
CA HIS A 216 -8.09 -30.06 -2.20
C HIS A 216 -7.88 -31.42 -1.55
N TYR A 217 -6.63 -31.89 -1.60
CA TYR A 217 -6.21 -33.07 -0.86
C TYR A 217 -4.98 -32.69 -0.04
N ALA A 218 -4.81 -33.32 1.12
CA ALA A 218 -3.71 -32.93 2.01
C ALA A 218 -2.67 -34.03 2.23
N HIS A 219 -1.48 -33.59 2.60
CA HIS A 219 -0.42 -34.49 3.05
C HIS A 219 -0.76 -34.98 4.45
N THR A 220 -1.25 -34.07 5.28
CA THR A 220 -1.73 -34.40 6.62
C THR A 220 -3.14 -34.98 6.54
N PRO A 221 -3.55 -35.78 7.55
CA PRO A 221 -4.89 -36.35 7.53
C PRO A 221 -6.00 -35.38 7.94
N THR A 222 -5.63 -34.17 8.35
CA THR A 222 -6.61 -33.20 8.84
C THR A 222 -6.56 -31.90 8.05
N GLY A 223 -5.53 -31.76 7.21
CA GLY A 223 -5.26 -30.51 6.54
C GLY A 223 -5.91 -30.27 5.18
N TYR A 224 -7.00 -30.95 4.88
CA TYR A 224 -7.74 -30.67 3.66
C TYR A 224 -9.23 -30.53 3.92
N LEU A 225 -9.97 -30.21 2.87
CA LEU A 225 -11.42 -30.13 2.92
C LEU A 225 -12.04 -31.08 1.89
N SER A 226 -12.85 -32.01 2.35
CA SER A 226 -13.51 -32.97 1.47
C SER A 226 -14.70 -32.33 0.78
N GLU A 227 -14.91 -32.68 -0.49
CA GLU A 227 -16.02 -32.12 -1.26
C GLU A 227 -17.38 -32.52 -0.70
N ASN A 228 -17.40 -33.63 0.05
CA ASN A 228 -18.65 -34.24 0.49
C ASN A 228 -19.36 -33.52 1.63
N MET A 229 -18.78 -32.42 2.13
CA MET A 229 -19.34 -31.73 3.29
C MET A 229 -20.20 -30.51 2.93
N LEU A 230 -20.04 -30.01 1.71
CA LEU A 230 -20.79 -28.85 1.24
C LEU A 230 -22.21 -29.21 0.79
N PRO A 231 -23.15 -28.25 0.84
CA PRO A 231 -24.55 -28.50 0.48
C PRO A 231 -24.73 -28.96 -0.97
N ASP A 232 -25.86 -29.60 -1.26
CA ASP A 232 -26.09 -30.19 -2.58
C ASP A 232 -26.81 -29.27 -3.56
N PHE A 233 -27.41 -28.20 -3.03
CA PHE A 233 -28.19 -27.30 -3.86
C PHE A 233 -27.30 -26.49 -4.81
N LEU A 234 -26.03 -26.35 -4.43
CA LEU A 234 -25.05 -25.63 -5.23
C LEU A 234 -24.83 -26.33 -6.57
N ASP A 235 -24.55 -25.54 -7.61
CA ASP A 235 -24.41 -26.06 -8.96
C ASP A 235 -22.96 -26.22 -9.40
N LEU A 236 -22.13 -25.23 -9.07
CA LEU A 236 -20.71 -25.27 -9.48
C LEU A 236 -19.81 -24.72 -8.38
N VAL A 237 -18.58 -25.23 -8.31
CA VAL A 237 -17.61 -24.81 -7.30
C VAL A 237 -16.23 -24.52 -7.90
N ILE A 238 -15.66 -23.37 -7.53
CA ILE A 238 -14.31 -23.01 -7.94
C ILE A 238 -13.33 -23.24 -6.80
N TRP A 239 -12.29 -24.02 -7.07
CA TRP A 239 -11.28 -24.35 -6.06
C TRP A 239 -10.08 -23.40 -6.19
N GLY A 240 -9.71 -22.75 -5.09
CA GLY A 240 -8.82 -21.60 -5.17
C GLY A 240 -7.47 -21.62 -4.49
N HIS A 241 -7.12 -22.72 -3.82
CA HIS A 241 -5.81 -22.79 -3.19
C HIS A 241 -4.88 -23.75 -3.92
N GLU A 242 -5.46 -24.61 -4.73
CA GLU A 242 -4.68 -25.59 -5.49
C GLU A 242 -4.16 -24.97 -6.78
N HIS A 243 -2.86 -25.11 -7.02
CA HIS A 243 -2.22 -24.43 -8.13
C HIS A 243 -2.20 -25.27 -9.41
N GLU A 244 -2.60 -26.53 -9.31
CA GLU A 244 -2.67 -27.37 -10.50
C GLU A 244 -3.87 -26.96 -11.36
N CYS A 245 -3.65 -26.83 -12.66
CA CYS A 245 -4.70 -26.36 -13.55
C CYS A 245 -5.59 -27.51 -14.03
N LEU A 246 -6.69 -27.72 -13.32
CA LEU A 246 -7.72 -28.66 -13.73
C LEU A 246 -9.00 -27.89 -14.01
N ILE A 247 -8.91 -26.98 -14.98
CA ILE A 247 -9.99 -26.06 -15.29
C ILE A 247 -11.23 -26.77 -15.83
N ASP A 248 -11.06 -28.00 -16.31
CA ASP A 248 -12.16 -28.80 -16.81
C ASP A 248 -13.05 -29.27 -15.67
N PRO A 249 -14.33 -28.87 -15.69
CA PRO A 249 -15.29 -29.14 -14.60
C PRO A 249 -15.75 -30.59 -14.50
N LYS A 250 -15.19 -31.32 -13.54
CA LYS A 250 -15.65 -32.67 -13.25
C LYS A 250 -16.94 -32.63 -12.45
N LYS A 251 -17.79 -33.63 -12.65
CA LYS A 251 -19.04 -33.72 -11.90
C LYS A 251 -18.89 -34.65 -10.71
N ASN A 252 -19.39 -34.23 -9.56
CA ASN A 252 -19.36 -35.06 -8.36
C ASN A 252 -20.71 -35.78 -8.18
N PRO A 253 -20.69 -37.11 -8.20
CA PRO A 253 -21.90 -37.95 -8.17
C PRO A 253 -22.72 -37.80 -6.88
N GLU A 254 -22.08 -37.98 -5.73
CA GLU A 254 -22.76 -37.88 -4.45
C GLU A 254 -23.46 -36.54 -4.29
N THR A 255 -22.74 -35.48 -4.63
CA THR A 255 -23.19 -34.12 -4.36
C THR A 255 -24.13 -33.62 -5.46
N GLY A 256 -23.70 -33.77 -6.71
CA GLY A 256 -24.50 -33.34 -7.86
C GLY A 256 -24.00 -32.07 -8.52
N PHE A 257 -22.98 -31.44 -7.93
CA PHE A 257 -22.40 -30.24 -8.54
C PHE A 257 -21.12 -30.54 -9.31
N HIS A 258 -20.67 -29.55 -10.07
CA HIS A 258 -19.41 -29.65 -10.78
C HIS A 258 -18.34 -28.85 -10.05
N VAL A 259 -17.08 -29.25 -10.19
CA VAL A 259 -15.98 -28.58 -9.50
C VAL A 259 -14.86 -28.18 -10.47
N MET A 260 -14.51 -26.90 -10.45
CA MET A 260 -13.41 -26.40 -11.27
C MET A 260 -12.20 -26.05 -10.42
N GLN A 261 -11.01 -26.29 -10.96
CA GLN A 261 -9.77 -25.97 -10.27
C GLN A 261 -8.82 -25.27 -11.24
N PRO A 262 -8.97 -23.94 -11.37
CA PRO A 262 -8.23 -23.11 -12.32
C PRO A 262 -6.71 -23.21 -12.21
N GLY A 263 -6.21 -23.38 -10.99
CA GLY A 263 -4.79 -23.41 -10.75
C GLY A 263 -4.21 -22.00 -10.73
N SER A 264 -2.94 -21.90 -10.36
CA SER A 264 -2.28 -20.61 -10.22
C SER A 264 -2.07 -19.92 -11.57
N SER A 265 -1.54 -18.70 -11.53
CA SER A 265 -1.28 -17.93 -12.74
C SER A 265 0.19 -18.06 -13.15
N ILE A 266 1.06 -18.29 -12.15
CA ILE A 266 2.47 -18.59 -12.40
C ILE A 266 2.91 -19.74 -11.50
N ALA A 267 4.11 -20.24 -11.74
CA ALA A 267 4.64 -21.37 -10.99
C ALA A 267 5.34 -20.93 -9.71
N THR A 268 4.69 -21.14 -8.57
CA THR A 268 5.27 -20.76 -7.28
C THR A 268 6.19 -21.88 -6.78
N SER A 269 6.10 -23.03 -7.43
CA SER A 269 6.93 -24.19 -7.09
C SER A 269 7.29 -24.98 -8.34
N LEU A 270 8.44 -25.65 -8.32
CA LEU A 270 8.88 -26.41 -9.49
C LEU A 270 8.53 -27.89 -9.34
N VAL A 271 7.24 -28.18 -9.51
CA VAL A 271 6.71 -29.54 -9.39
C VAL A 271 5.69 -29.79 -10.50
N PRO A 272 5.50 -31.05 -10.91
CA PRO A 272 4.63 -31.43 -12.04
C PRO A 272 3.23 -30.82 -12.00
N GLY A 273 2.71 -30.51 -10.82
CA GLY A 273 1.43 -29.87 -10.71
C GLY A 273 1.45 -28.48 -11.32
N GLU A 274 2.56 -27.76 -11.11
CA GLU A 274 2.72 -26.43 -11.66
C GLU A 274 3.15 -26.49 -13.12
N ALA A 275 3.62 -27.66 -13.54
CA ALA A 275 4.00 -27.87 -14.93
C ALA A 275 2.79 -27.93 -15.86
N VAL A 276 1.64 -28.28 -15.30
CA VAL A 276 0.40 -28.35 -16.07
C VAL A 276 0.06 -26.98 -16.66
N PRO A 277 -0.06 -26.91 -18.00
CA PRO A 277 -0.34 -25.68 -18.75
C PRO A 277 -1.46 -24.86 -18.14
N LYS A 278 -1.18 -23.61 -17.80
CA LYS A 278 -2.11 -22.80 -17.00
C LYS A 278 -3.15 -22.06 -17.85
N HIS A 279 -4.40 -22.11 -17.40
CA HIS A 279 -5.50 -21.52 -18.14
C HIS A 279 -6.33 -20.59 -17.27
N ILE A 280 -7.28 -19.91 -17.90
CA ILE A 280 -8.40 -19.25 -17.23
C ILE A 280 -9.64 -19.55 -18.04
N ALA A 281 -10.82 -19.40 -17.44
CA ALA A 281 -12.05 -19.83 -18.11
C ALA A 281 -13.07 -18.70 -18.29
N ILE A 282 -13.51 -18.51 -19.53
CA ILE A 282 -14.64 -17.64 -19.81
C ILE A 282 -15.91 -18.40 -19.48
N LEU A 283 -16.39 -18.21 -18.26
CA LEU A 283 -17.57 -18.91 -17.77
C LEU A 283 -18.85 -18.19 -18.16
N SER A 284 -19.64 -18.83 -19.01
CA SER A 284 -20.89 -18.25 -19.48
C SER A 284 -22.09 -18.91 -18.82
N ILE A 285 -22.82 -18.16 -18.00
CA ILE A 285 -23.98 -18.70 -17.30
C ILE A 285 -25.30 -18.25 -17.91
N THR A 286 -26.07 -19.21 -18.39
CA THR A 286 -27.37 -18.93 -18.98
C THR A 286 -28.45 -19.75 -18.28
N GLY A 287 -29.39 -19.05 -17.64
CA GLY A 287 -30.45 -19.71 -16.89
C GLY A 287 -29.90 -20.48 -15.71
N LYS A 288 -30.01 -21.80 -15.77
CA LYS A 288 -29.42 -22.65 -14.75
C LYS A 288 -28.32 -23.51 -15.37
N SER A 289 -27.92 -23.14 -16.58
CA SER A 289 -26.87 -23.86 -17.29
C SER A 289 -25.64 -22.99 -17.45
N PHE A 290 -24.47 -23.59 -17.27
CA PHE A 290 -23.21 -22.85 -17.40
C PHE A 290 -22.41 -23.32 -18.60
N GLU A 291 -21.72 -22.36 -19.23
CA GLU A 291 -20.83 -22.67 -20.35
C GLU A 291 -19.41 -22.27 -19.98
N VAL A 292 -18.47 -23.18 -20.19
CA VAL A 292 -17.08 -22.92 -19.84
C VAL A 292 -16.19 -22.82 -21.06
N GLU A 293 -15.61 -21.65 -21.26
CA GLU A 293 -14.64 -21.44 -22.32
C GLU A 293 -13.28 -21.17 -21.72
N LYS A 294 -12.42 -22.19 -21.69
CA LYS A 294 -11.11 -22.02 -21.09
C LYS A 294 -10.14 -21.33 -22.04
N ILE A 295 -9.39 -20.38 -21.50
CA ILE A 295 -8.45 -19.59 -22.30
C ILE A 295 -7.03 -19.70 -21.74
N PRO A 296 -6.12 -20.26 -22.55
CA PRO A 296 -4.73 -20.45 -22.15
C PRO A 296 -3.95 -19.14 -22.04
N LEU A 297 -2.98 -19.09 -21.15
CA LEU A 297 -2.16 -17.89 -20.95
C LEU A 297 -0.86 -17.97 -21.75
N ARG A 298 -0.56 -16.91 -22.48
CA ARG A 298 0.60 -16.88 -23.36
C ARG A 298 1.86 -16.34 -22.65
N THR A 299 1.67 -15.44 -21.69
CA THR A 299 2.78 -14.79 -21.03
C THR A 299 3.39 -15.62 -19.91
N VAL A 300 3.05 -16.90 -19.87
CA VAL A 300 3.56 -17.79 -18.83
C VAL A 300 4.86 -18.46 -19.27
N ARG A 301 5.86 -18.40 -18.40
CA ARG A 301 7.18 -18.95 -18.65
C ARG A 301 7.16 -20.45 -18.95
N PRO A 302 7.88 -20.88 -19.98
CA PRO A 302 8.05 -22.30 -20.29
C PRO A 302 8.71 -23.07 -19.14
N PHE A 303 8.08 -24.15 -18.70
CA PHE A 303 8.61 -24.94 -17.59
C PHE A 303 8.64 -26.42 -17.95
N VAL A 304 9.77 -27.06 -17.69
CA VAL A 304 9.93 -28.49 -17.93
C VAL A 304 10.58 -29.19 -16.75
N ILE A 305 9.94 -30.24 -16.24
CA ILE A 305 10.45 -30.98 -15.10
C ILE A 305 10.47 -32.48 -15.37
N ARG A 306 11.50 -33.16 -14.89
CA ARG A 306 11.60 -34.61 -15.04
C ARG A 306 12.18 -35.27 -13.78
N GLU A 307 11.98 -36.58 -13.65
CA GLU A 307 12.43 -37.34 -12.50
C GLU A 307 13.33 -38.51 -12.92
N ILE A 308 14.59 -38.47 -12.50
CA ILE A 308 15.55 -39.50 -12.89
C ILE A 308 16.09 -40.26 -11.68
N THR A 309 15.85 -41.56 -11.65
CA THR A 309 16.43 -42.42 -10.64
C THR A 309 17.68 -43.08 -11.23
N LEU A 310 18.85 -42.57 -10.83
CA LEU A 310 20.12 -42.93 -11.47
C LEU A 310 20.39 -44.44 -11.48
N ALA A 311 20.13 -45.11 -10.37
CA ALA A 311 20.42 -46.53 -10.24
C ALA A 311 19.65 -47.37 -11.25
N THR A 312 18.34 -47.14 -11.32
CA THR A 312 17.47 -47.96 -12.13
C THR A 312 17.49 -47.54 -13.61
N ASP A 313 18.05 -46.37 -13.89
CA ASP A 313 18.07 -45.84 -15.25
C ASP A 313 18.78 -46.79 -16.22
N LYS A 314 18.10 -47.11 -17.32
CA LYS A 314 18.57 -48.12 -18.26
C LYS A 314 19.79 -47.70 -19.06
N ARG A 315 19.80 -46.42 -19.44
CA ARG A 315 20.86 -45.86 -20.28
C ARG A 315 22.25 -46.15 -19.73
N PHE A 316 22.48 -45.81 -18.48
CA PHE A 316 23.75 -46.09 -17.83
C PHE A 316 23.54 -46.97 -16.60
N LYS A 317 24.36 -48.00 -16.46
CA LYS A 317 24.21 -48.96 -15.37
C LYS A 317 25.56 -49.37 -14.78
N GLY A 318 26.38 -50.00 -15.62
CA GLY A 318 27.64 -50.56 -15.18
C GLY A 318 28.66 -49.52 -14.78
N LEU A 319 28.85 -48.51 -15.64
CA LEU A 319 29.88 -47.49 -15.42
C LEU A 319 29.73 -46.77 -14.08
N GLU A 320 28.50 -46.43 -13.74
CA GLU A 320 28.23 -45.59 -12.60
C GLU A 320 28.30 -46.35 -11.28
N LYS A 321 28.02 -47.64 -11.35
CA LYS A 321 28.07 -48.44 -10.14
C LYS A 321 29.52 -48.70 -9.72
N LYS A 322 30.26 -49.47 -10.50
CA LYS A 322 31.57 -49.94 -10.05
C LYS A 322 32.77 -49.14 -10.57
N GLN A 323 32.57 -48.36 -11.62
CA GLN A 323 33.68 -47.59 -12.19
C GLN A 323 33.77 -46.19 -11.58
N ASP A 324 34.85 -45.47 -11.89
CA ASP A 324 35.07 -44.13 -11.39
C ASP A 324 33.91 -43.19 -11.80
N ASN A 325 33.46 -42.37 -10.86
CA ASN A 325 32.29 -41.53 -11.07
C ASN A 325 32.62 -40.04 -11.18
N ARG A 326 31.63 -39.20 -10.88
CA ARG A 326 31.76 -37.74 -10.88
C ARG A 326 32.05 -37.12 -12.25
N GLN A 327 33.22 -37.44 -12.80
CA GLN A 327 33.69 -36.81 -14.03
C GLN A 327 32.80 -37.05 -15.26
N GLU A 328 32.43 -38.31 -15.48
CA GLU A 328 31.70 -38.69 -16.68
C GLU A 328 30.21 -38.43 -16.58
N VAL A 329 29.68 -38.52 -15.37
CA VAL A 329 28.24 -38.37 -15.12
C VAL A 329 27.65 -37.10 -15.72
N THR A 330 28.43 -36.01 -15.71
CA THR A 330 28.00 -34.73 -16.24
C THR A 330 27.46 -34.86 -17.66
N LYS A 331 28.35 -35.15 -18.59
CA LYS A 331 28.02 -35.29 -20.01
C LYS A 331 26.74 -36.09 -20.26
N ARG A 332 26.51 -37.12 -19.45
CA ARG A 332 25.30 -37.93 -19.57
C ARG A 332 24.07 -37.14 -19.14
N LEU A 333 24.19 -36.42 -18.03
CA LEU A 333 23.11 -35.56 -17.56
C LEU A 333 22.99 -34.31 -18.43
N MET A 334 24.11 -33.88 -18.98
CA MET A 334 24.16 -32.70 -19.84
C MET A 334 23.28 -32.86 -21.08
N GLN A 335 23.30 -34.06 -21.65
CA GLN A 335 22.53 -34.34 -22.87
C GLN A 335 21.03 -34.30 -22.60
N ILE A 336 20.64 -34.71 -21.41
CA ILE A 336 19.22 -34.80 -21.04
C ILE A 336 18.61 -33.43 -20.78
N VAL A 337 19.34 -32.58 -20.06
CA VAL A 337 18.84 -31.26 -19.70
C VAL A 337 18.71 -30.38 -20.93
N GLU A 338 19.55 -30.63 -21.94
CA GLU A 338 19.52 -29.84 -23.16
C GLU A 338 18.33 -30.24 -24.03
N GLU A 339 17.88 -31.49 -23.90
CA GLU A 339 16.71 -31.95 -24.63
C GLU A 339 15.44 -31.42 -23.98
N MET A 340 15.54 -31.08 -22.69
CA MET A 340 14.42 -30.48 -21.97
C MET A 340 14.30 -29.00 -22.33
N ILE A 341 15.45 -28.32 -22.36
CA ILE A 341 15.51 -26.94 -22.82
C ILE A 341 15.05 -26.86 -24.27
N ALA A 342 15.38 -27.89 -25.03
CA ALA A 342 15.00 -27.97 -26.44
C ALA A 342 13.48 -27.98 -26.60
N GLU A 343 12.82 -28.85 -25.83
CA GLU A 343 11.37 -28.99 -25.94
C GLU A 343 10.66 -27.79 -25.32
N ALA A 344 11.28 -27.18 -24.31
CA ALA A 344 10.71 -26.01 -23.67
C ALA A 344 10.63 -24.85 -24.65
N ASN A 345 11.68 -24.68 -25.44
CA ASN A 345 11.71 -23.65 -26.46
C ASN A 345 10.71 -23.95 -27.58
N GLU A 346 10.56 -25.23 -27.90
CA GLU A 346 9.65 -25.65 -28.96
C GLU A 346 8.19 -25.35 -28.62
N MET A 347 7.79 -25.68 -27.39
CA MET A 347 6.43 -25.42 -26.94
C MET A 347 6.11 -23.95 -27.10
N TRP A 348 7.02 -23.10 -26.66
CA TRP A 348 6.88 -21.66 -26.79
C TRP A 348 6.72 -21.24 -28.25
N ARG A 349 7.58 -21.79 -29.11
CA ARG A 349 7.56 -21.46 -30.52
C ARG A 349 6.24 -21.84 -31.17
N SER A 350 5.79 -23.05 -30.90
CA SER A 350 4.54 -23.56 -31.46
C SER A 350 3.33 -22.76 -30.98
N LEU A 351 3.35 -22.40 -29.70
CA LEU A 351 2.23 -21.66 -29.11
C LEU A 351 2.18 -20.21 -29.58
N HIS A 352 3.33 -19.65 -29.90
CA HIS A 352 3.40 -18.25 -30.30
C HIS A 352 3.62 -18.09 -31.80
N GLU A 353 3.66 -19.22 -32.52
CA GLU A 353 3.67 -19.18 -33.97
C GLU A 353 2.36 -18.59 -34.45
N ASP A 354 1.29 -18.89 -33.71
CA ASP A 354 -0.08 -18.53 -34.07
C ASP A 354 -0.24 -17.09 -34.52
N SER A 355 0.31 -16.17 -33.74
CA SER A 355 0.13 -14.76 -34.03
C SER A 355 1.43 -13.98 -34.08
N GLN A 356 1.39 -12.83 -34.76
CA GLN A 356 2.53 -11.95 -34.85
C GLN A 356 2.73 -11.13 -33.58
N ASP A 357 3.25 -11.76 -32.54
CA ASP A 357 3.60 -11.02 -31.34
C ASP A 357 4.83 -10.16 -31.61
N ASP A 358 5.53 -10.48 -32.70
CA ASP A 358 6.73 -9.76 -33.14
C ASP A 358 7.71 -9.63 -31.99
N GLU A 359 8.06 -10.78 -31.40
CA GLU A 359 8.88 -10.84 -30.19
C GLU A 359 8.22 -10.10 -29.05
N GLU A 362 12.77 -11.30 -27.90
CA GLU A 362 12.87 -12.75 -28.12
C GLU A 362 12.22 -13.53 -26.99
N GLN A 363 12.02 -14.83 -27.20
CA GLN A 363 11.41 -15.71 -26.21
C GLN A 363 12.19 -15.72 -24.89
N PRO A 364 11.48 -15.97 -23.78
CA PRO A 364 12.09 -16.01 -22.44
C PRO A 364 12.89 -17.27 -22.17
N LEU A 365 13.87 -17.18 -21.28
CA LEU A 365 14.66 -18.33 -20.87
C LEU A 365 13.81 -19.27 -20.02
N PRO A 366 13.69 -20.53 -20.46
CA PRO A 366 12.78 -21.50 -19.84
C PRO A 366 13.17 -21.87 -18.40
N LEU A 367 12.29 -22.64 -17.77
CA LEU A 367 12.53 -23.17 -16.44
C LEU A 367 12.76 -24.68 -16.50
N ILE A 368 13.91 -25.13 -16.05
CA ILE A 368 14.25 -26.54 -16.17
C ILE A 368 14.54 -27.16 -14.81
N ARG A 369 13.87 -28.27 -14.51
CA ARG A 369 14.05 -28.97 -13.24
C ARG A 369 14.27 -30.47 -13.40
N LEU A 370 15.30 -30.98 -12.73
CA LEU A 370 15.53 -32.42 -12.66
C LEU A 370 15.56 -32.89 -11.22
N LYS A 371 14.98 -34.05 -10.97
CA LYS A 371 14.94 -34.59 -9.62
C LYS A 371 15.61 -35.96 -9.58
N VAL A 372 16.53 -36.15 -8.65
CA VAL A 372 17.35 -37.36 -8.65
C VAL A 372 17.41 -38.09 -7.31
N GLU A 373 16.82 -39.28 -7.27
CA GLU A 373 17.10 -40.22 -6.21
C GLU A 373 18.09 -41.22 -6.77
N TYR A 374 19.23 -41.36 -6.08
CA TYR A 374 20.28 -42.25 -6.54
C TYR A 374 20.59 -43.32 -5.49
N SER A 375 20.29 -44.55 -5.84
CA SER A 375 20.51 -45.66 -4.91
C SER A 375 21.76 -46.43 -5.28
N SER A 376 22.48 -46.93 -4.28
CA SER A 376 23.68 -47.71 -4.55
C SER A 376 23.75 -48.90 -3.59
N PRO A 377 23.52 -50.10 -4.13
CA PRO A 377 23.44 -51.39 -3.40
C PRO A 377 24.64 -51.66 -2.48
N GLU A 378 25.86 -51.43 -2.98
CA GLU A 378 27.05 -51.88 -2.26
C GLU A 378 28.31 -51.11 -2.61
N GLY A 379 28.44 -49.91 -2.06
CA GLY A 379 29.60 -49.07 -2.34
C GLY A 379 29.71 -48.73 -3.82
N THR A 380 28.59 -48.81 -4.52
CA THR A 380 28.55 -48.52 -5.95
C THR A 380 28.12 -47.08 -6.19
N LYS A 381 28.50 -46.21 -5.26
CA LYS A 381 27.92 -44.88 -5.16
C LYS A 381 28.33 -43.94 -6.28
N PHE A 382 27.32 -43.40 -6.96
CA PHE A 382 27.48 -42.31 -7.92
C PHE A 382 28.09 -41.12 -7.17
N GLU A 383 28.96 -40.37 -7.82
CA GLU A 383 29.54 -39.21 -7.16
C GLU A 383 28.84 -37.92 -7.62
N VAL A 384 28.05 -37.36 -6.71
CA VAL A 384 27.21 -36.21 -6.98
C VAL A 384 28.03 -34.92 -6.88
N GLU A 385 27.58 -33.87 -7.57
CA GLU A 385 28.28 -32.61 -7.59
C GLU A 385 27.51 -31.50 -6.87
N ASN A 386 28.25 -30.54 -6.31
CA ASN A 386 27.68 -29.45 -5.52
C ASN A 386 26.55 -28.72 -6.23
N PRO A 387 25.40 -28.58 -5.54
CA PRO A 387 24.13 -28.06 -6.05
C PRO A 387 24.26 -26.76 -6.85
N GLN A 388 24.93 -25.77 -6.28
CA GLN A 388 25.07 -24.48 -6.93
C GLN A 388 25.86 -24.56 -8.24
N ARG A 389 26.98 -25.28 -8.19
CA ARG A 389 27.90 -25.34 -9.32
C ARG A 389 27.26 -25.93 -10.58
N PHE A 390 26.60 -27.07 -10.43
CA PHE A 390 26.00 -27.74 -11.57
C PHE A 390 24.89 -26.90 -12.19
N SER A 391 24.10 -26.25 -11.35
CA SER A 391 23.02 -25.40 -11.82
C SER A 391 23.55 -24.15 -12.55
N ASN A 392 24.58 -23.54 -11.98
CA ASN A 392 25.12 -22.28 -12.52
C ASN A 392 25.70 -22.41 -13.93
N ARG A 393 26.03 -23.64 -14.32
CA ARG A 393 26.69 -23.85 -15.61
C ARG A 393 25.77 -23.63 -16.80
N PHE A 394 24.49 -23.37 -16.52
CA PHE A 394 23.52 -23.09 -17.57
C PHE A 394 23.06 -21.64 -17.50
N ALA A 395 23.92 -20.79 -16.95
CA ALA A 395 23.61 -19.37 -16.84
C ALA A 395 23.42 -18.76 -18.23
N GLY A 396 22.20 -18.34 -18.52
CA GLY A 396 21.88 -17.74 -19.80
C GLY A 396 21.05 -18.66 -20.67
N LYS A 397 20.83 -19.88 -20.19
CA LYS A 397 20.02 -20.85 -20.93
C LYS A 397 18.73 -21.18 -20.19
N VAL A 398 18.76 -21.00 -18.88
CA VAL A 398 17.55 -21.19 -18.07
C VAL A 398 17.30 -19.93 -17.23
N ALA A 399 16.09 -19.84 -16.71
CA ALA A 399 15.73 -18.72 -15.83
C ALA A 399 16.14 -19.05 -14.39
N ASN A 400 15.98 -20.31 -14.01
CA ASN A 400 16.41 -20.77 -12.71
C ASN A 400 17.89 -21.16 -12.73
N GLN A 401 18.75 -20.16 -12.58
CA GLN A 401 20.19 -20.37 -12.72
C GLN A 401 20.79 -21.18 -11.58
N ASN A 402 20.34 -20.94 -10.35
CA ASN A 402 21.00 -21.54 -9.20
C ASN A 402 20.30 -22.78 -8.62
N ASP A 403 19.28 -23.27 -9.30
CA ASP A 403 18.56 -24.44 -8.80
C ASP A 403 17.93 -25.27 -9.91
N VAL A 404 18.75 -25.97 -10.68
CA VAL A 404 18.26 -26.77 -11.78
C VAL A 404 17.89 -28.18 -11.34
N VAL A 405 18.76 -28.80 -10.53
CA VAL A 405 18.57 -30.20 -10.18
C VAL A 405 18.49 -30.43 -8.67
N HIS A 406 17.69 -31.43 -8.28
CA HIS A 406 17.53 -31.83 -6.88
C HIS A 406 18.06 -33.25 -6.64
N PHE A 407 19.12 -33.36 -5.84
CA PHE A 407 19.68 -34.66 -5.49
C PHE A 407 19.28 -35.08 -4.09
N TYR A 408 18.90 -36.35 -3.92
CA TYR A 408 18.46 -36.84 -2.63
C TYR A 408 18.45 -38.36 -2.55
N ARG A 409 18.41 -38.86 -1.31
CA ARG A 409 18.21 -40.29 -1.04
C ARG A 409 17.01 -40.46 -0.12
N LYS A 410 16.14 -41.39 -0.47
CA LYS A 410 14.82 -41.47 0.16
C LYS A 410 14.78 -41.83 1.63
N LYS A 411 15.54 -42.84 2.00
CA LYS A 411 15.49 -43.32 3.38
C LYS A 411 16.17 -42.38 4.36
N THR A 412 15.56 -42.20 5.54
CA THR A 412 16.13 -41.36 6.57
C THR A 412 16.22 -42.11 7.89
N THR B 4 -12.31 34.85 2.14
CA THR B 4 -13.12 35.54 1.14
C THR B 4 -12.52 35.38 -0.25
N ALA B 5 -13.36 35.13 -1.24
CA ALA B 5 -12.89 34.86 -2.59
C ALA B 5 -13.96 35.04 -3.65
N GLY B 6 -13.53 35.51 -4.82
CA GLY B 6 -14.38 35.56 -5.99
C GLY B 6 -13.79 34.68 -7.07
N PRO B 7 -14.38 34.70 -8.27
CA PRO B 7 -13.96 33.89 -9.42
C PRO B 7 -12.51 34.10 -9.83
N ASP B 8 -11.90 35.22 -9.43
CA ASP B 8 -10.51 35.47 -9.77
C ASP B 8 -9.57 35.20 -8.60
N THR B 9 -10.15 34.89 -7.45
CA THR B 9 -9.37 34.55 -6.26
C THR B 9 -9.27 33.04 -6.06
N ILE B 10 -8.05 32.54 -5.91
CA ILE B 10 -7.84 31.10 -5.76
C ILE B 10 -7.61 30.72 -4.30
N ARG B 11 -8.54 29.98 -3.72
CA ARG B 11 -8.40 29.53 -2.34
C ARG B 11 -7.58 28.26 -2.27
N ILE B 12 -6.36 28.37 -1.73
CA ILE B 12 -5.49 27.23 -1.56
C ILE B 12 -5.29 26.90 -0.09
N LEU B 13 -5.47 25.63 0.26
CA LEU B 13 -5.30 25.19 1.64
C LEU B 13 -3.90 24.59 1.84
N VAL B 14 -3.18 25.07 2.84
CA VAL B 14 -1.81 24.64 3.07
C VAL B 14 -1.66 23.80 4.34
N SER B 15 -0.91 22.70 4.23
CA SER B 15 -0.61 21.84 5.37
C SER B 15 0.63 20.98 5.08
N THR B 16 1.31 20.54 6.14
CA THR B 16 2.51 19.71 5.97
C THR B 16 2.84 18.89 7.20
N ASP B 17 3.65 17.85 7.01
CA ASP B 17 4.10 16.97 8.08
C ASP B 17 2.94 16.42 8.92
N ASN B 18 1.96 15.83 8.24
CA ASN B 18 0.86 15.18 8.93
C ASN B 18 1.35 13.92 9.64
N HIS B 19 2.34 13.27 9.04
CA HIS B 19 2.96 12.06 9.59
C HIS B 19 1.92 11.02 9.97
N VAL B 20 1.05 10.68 9.01
CA VAL B 20 0.00 9.69 9.27
C VAL B 20 0.63 8.34 9.55
N GLY B 21 0.72 7.99 10.83
CA GLY B 21 1.34 6.75 11.25
C GLY B 21 2.13 6.90 12.55
N TYR B 22 2.18 8.13 13.07
CA TYR B 22 2.89 8.39 14.31
C TYR B 22 2.10 7.91 15.51
N GLU B 23 2.73 7.04 16.30
CA GLU B 23 2.11 6.47 17.49
C GLU B 23 0.84 5.70 17.16
N GLU B 24 0.89 4.89 16.10
CA GLU B 24 -0.22 4.02 15.76
C GLU B 24 -0.42 2.94 16.82
N ARG B 25 0.69 2.50 17.40
CA ARG B 25 0.67 1.38 18.33
C ARG B 25 0.49 1.84 19.78
N ASP B 26 0.48 3.16 19.98
CA ASP B 26 0.22 3.71 21.30
C ASP B 26 -1.26 3.62 21.62
N PRO B 27 -1.62 2.91 22.70
CA PRO B 27 -3.01 2.66 23.07
C PRO B 27 -3.82 3.94 23.28
N ILE B 28 -3.24 4.90 23.99
CA ILE B 28 -3.94 6.15 24.29
C ILE B 28 -4.03 7.06 23.07
N ARG B 29 -2.93 7.16 22.32
CA ARG B 29 -2.79 8.19 21.32
C ARG B 29 -2.64 7.64 19.90
N LYS B 30 -3.39 6.57 19.58
CA LYS B 30 -3.23 5.90 18.29
C LYS B 30 -3.91 6.64 17.15
N ASP B 31 -5.08 7.22 17.41
CA ASP B 31 -5.88 7.81 16.35
C ASP B 31 -5.60 9.29 16.13
N ASP B 32 -4.73 9.86 16.96
CA ASP B 32 -4.35 11.27 16.81
C ASP B 32 -3.77 11.54 15.43
N SER B 33 -3.16 10.52 14.84
CA SER B 33 -2.47 10.66 13.57
C SER B 33 -3.41 10.94 12.39
N TRP B 34 -4.43 10.10 12.24
CA TRP B 34 -5.30 10.15 11.06
C TRP B 34 -6.54 11.01 11.28
N ARG B 35 -7.02 11.06 12.51
CA ARG B 35 -8.19 11.86 12.82
C ARG B 35 -7.92 13.34 12.58
N THR B 36 -6.68 13.75 12.81
CA THR B 36 -6.28 15.14 12.60
C THR B 36 -6.19 15.46 11.11
N PHE B 37 -5.64 14.51 10.35
CA PHE B 37 -5.53 14.66 8.91
C PHE B 37 -6.89 14.74 8.25
N ASP B 38 -7.85 13.98 8.79
CA ASP B 38 -9.19 13.95 8.22
C ASP B 38 -9.89 15.29 8.45
N GLU B 39 -9.54 15.96 9.53
CA GLU B 39 -10.06 17.30 9.80
C GLU B 39 -9.63 18.27 8.71
N ILE B 40 -8.39 18.12 8.26
CA ILE B 40 -7.84 18.96 7.20
C ILE B 40 -8.65 18.80 5.91
N MET B 41 -8.89 17.54 5.54
CA MET B 41 -9.60 17.23 4.31
C MET B 41 -11.05 17.68 4.34
N GLN B 42 -11.66 17.67 5.52
CA GLN B 42 -13.03 18.12 5.67
C GLN B 42 -13.13 19.63 5.55
N LEU B 43 -12.11 20.32 6.03
CA LEU B 43 -12.05 21.78 5.94
C LEU B 43 -11.97 22.24 4.48
N ALA B 44 -11.18 21.53 3.70
CA ALA B 44 -11.04 21.83 2.28
C ALA B 44 -12.38 21.79 1.59
N ARG B 45 -13.20 20.80 1.98
CA ARG B 45 -14.54 20.67 1.44
C ARG B 45 -15.47 21.71 2.09
N THR B 46 -15.24 21.98 3.36
CA THR B 46 -16.06 22.93 4.11
C THR B 46 -15.79 24.37 3.69
N LYS B 47 -14.53 24.77 3.74
CA LYS B 47 -14.13 26.12 3.36
C LYS B 47 -14.28 26.36 1.86
N ASP B 48 -14.54 25.28 1.12
CA ASP B 48 -14.68 25.32 -0.32
C ASP B 48 -13.46 25.94 -0.99
N VAL B 49 -12.30 25.35 -0.72
CA VAL B 49 -11.08 25.78 -1.39
C VAL B 49 -11.07 25.25 -2.81
N ASP B 50 -10.18 25.79 -3.64
CA ASP B 50 -10.07 25.36 -5.01
C ASP B 50 -9.08 24.21 -5.15
N MET B 51 -8.21 24.07 -4.16
CA MET B 51 -7.23 22.99 -4.16
C MET B 51 -6.59 22.78 -2.79
N VAL B 52 -5.75 21.76 -2.70
CA VAL B 52 -4.98 21.48 -1.48
C VAL B 52 -3.52 21.24 -1.84
N LEU B 53 -2.63 21.89 -1.10
CA LEU B 53 -1.19 21.74 -1.30
C LEU B 53 -0.52 21.18 -0.04
N LEU B 54 0.13 20.03 -0.19
CA LEU B 54 0.79 19.39 0.95
C LEU B 54 2.33 19.49 0.87
N GLY B 55 2.96 19.77 2.00
CA GLY B 55 4.39 20.06 2.02
C GLY B 55 5.34 18.89 2.15
N GLY B 56 4.83 17.74 2.59
CA GLY B 56 5.65 16.56 2.75
C GLY B 56 5.45 15.85 4.08
N ASP B 57 6.09 14.69 4.23
CA ASP B 57 5.94 13.85 5.41
C ASP B 57 4.48 13.55 5.71
N LEU B 58 3.73 13.26 4.65
CA LEU B 58 2.33 12.86 4.80
C LEU B 58 2.22 11.59 5.65
N PHE B 59 3.17 10.67 5.45
CA PHE B 59 3.28 9.49 6.28
C PHE B 59 4.49 9.60 7.19
N HIS B 60 4.36 9.08 8.40
CA HIS B 60 5.47 9.07 9.34
C HIS B 60 6.45 7.96 8.97
N ASP B 61 5.96 6.96 8.27
CA ASP B 61 6.78 5.82 7.89
C ASP B 61 6.97 5.73 6.38
N ASN B 62 8.15 5.29 5.98
CA ASN B 62 8.46 5.08 4.57
C ASN B 62 7.55 4.03 3.96
N LYS B 63 7.43 2.92 4.67
CA LYS B 63 6.47 1.88 4.31
C LYS B 63 5.32 1.90 5.31
N PRO B 64 4.24 2.63 4.99
CA PRO B 64 3.10 2.81 5.89
C PRO B 64 2.37 1.49 6.14
N SER B 65 1.70 1.40 7.28
CA SER B 65 0.87 0.23 7.58
C SER B 65 -0.37 0.27 6.72
N ARG B 66 -1.08 -0.86 6.64
CA ARG B 66 -2.33 -0.93 5.90
C ARG B 66 -3.38 0.02 6.47
N LYS B 67 -3.41 0.15 7.80
CA LYS B 67 -4.36 1.03 8.47
C LYS B 67 -4.04 2.49 8.14
N ALA B 68 -2.75 2.82 8.14
CA ALA B 68 -2.29 4.17 7.84
C ALA B 68 -2.65 4.59 6.43
N MET B 69 -2.46 3.67 5.49
CA MET B 69 -2.80 3.91 4.09
C MET B 69 -4.32 3.95 3.89
N TYR B 70 -5.05 3.19 4.70
CA TYR B 70 -6.50 3.13 4.58
C TYR B 70 -7.15 4.45 4.98
N GLN B 71 -6.79 4.94 6.15
CA GLN B 71 -7.35 6.18 6.69
C GLN B 71 -7.09 7.36 5.76
N VAL B 72 -5.92 7.36 5.12
CA VAL B 72 -5.57 8.39 4.17
C VAL B 72 -6.43 8.27 2.91
N MET B 73 -6.47 7.07 2.33
CA MET B 73 -7.31 6.79 1.17
C MET B 73 -8.77 7.13 1.43
N ARG B 74 -9.23 6.81 2.64
CA ARG B 74 -10.61 7.05 3.02
C ARG B 74 -10.94 8.54 3.02
N SER B 75 -10.06 9.35 3.62
CA SER B 75 -10.29 10.78 3.73
C SER B 75 -10.25 11.46 2.37
N LEU B 76 -9.32 11.03 1.53
CA LEU B 76 -9.15 11.61 0.20
C LEU B 76 -10.38 11.40 -0.68
N ARG B 77 -10.89 10.17 -0.71
CA ARG B 77 -12.05 9.85 -1.54
C ARG B 77 -13.29 10.63 -1.13
N LYS B 78 -13.54 10.69 0.19
CA LYS B 78 -14.72 11.36 0.71
C LYS B 78 -14.73 12.87 0.50
N ASN B 79 -13.56 13.49 0.55
CA ASN B 79 -13.49 14.95 0.57
C ASN B 79 -13.12 15.59 -0.76
N CYS B 80 -12.53 14.82 -1.67
CA CYS B 80 -12.02 15.37 -2.92
C CYS B 80 -12.78 14.88 -4.15
N LEU B 81 -13.57 13.82 -3.99
CA LEU B 81 -14.43 13.37 -5.07
C LEU B 81 -15.81 13.98 -4.92
N GLY B 82 -16.40 14.37 -6.04
CA GLY B 82 -17.70 15.02 -6.03
C GLY B 82 -18.17 15.46 -7.40
N MET B 83 -19.32 16.12 -7.41
CA MET B 83 -19.94 16.56 -8.66
C MET B 83 -19.49 17.94 -9.08
N LYS B 84 -19.01 18.72 -8.11
CA LYS B 84 -18.56 20.09 -8.37
C LYS B 84 -17.40 20.10 -9.36
N PRO B 85 -17.43 21.04 -10.32
CA PRO B 85 -16.37 21.16 -11.33
C PRO B 85 -15.17 21.96 -10.83
N CYS B 86 -13.99 21.57 -11.26
CA CYS B 86 -12.77 22.29 -10.90
C CYS B 86 -12.63 23.50 -11.83
N GLU B 87 -12.38 24.67 -11.23
CA GLU B 87 -12.30 25.91 -11.99
C GLU B 87 -10.87 26.26 -12.40
N LEU B 88 -9.98 25.29 -12.29
CA LEU B 88 -8.56 25.50 -12.60
C LEU B 88 -8.22 24.92 -13.97
N GLU B 89 -7.21 25.50 -14.62
CA GLU B 89 -6.80 25.05 -15.94
C GLU B 89 -5.34 24.59 -15.93
N PHE B 90 -5.08 23.46 -16.56
CA PHE B 90 -3.73 22.88 -16.56
C PHE B 90 -2.98 23.25 -17.83
N LEU B 91 -2.17 24.30 -17.73
CA LEU B 91 -1.48 24.85 -18.89
C LEU B 91 -0.14 24.17 -19.14
N SER B 92 0.57 23.84 -18.06
CA SER B 92 1.90 23.24 -18.16
C SER B 92 1.86 21.88 -18.87
N ASP B 93 3.04 21.40 -19.25
CA ASP B 93 3.15 20.13 -19.95
C ASP B 93 2.87 18.98 -19.01
N PRO B 94 1.83 18.19 -19.32
CA PRO B 94 1.50 16.99 -18.54
C PRO B 94 2.62 15.95 -18.60
N ALA B 95 3.23 15.77 -19.77
CA ALA B 95 4.28 14.76 -19.94
C ALA B 95 5.38 14.92 -18.90
N GLU B 96 5.68 16.18 -18.56
CA GLU B 96 6.56 16.47 -17.45
C GLU B 96 5.85 16.16 -16.14
N VAL B 97 6.55 15.44 -15.27
CA VAL B 97 6.06 14.90 -13.99
C VAL B 97 4.68 14.23 -13.99
N PHE B 98 4.31 13.63 -15.13
CA PHE B 98 3.19 12.67 -15.20
C PHE B 98 3.55 11.52 -16.14
N GLU B 99 3.72 10.34 -15.58
CA GLU B 99 4.22 9.20 -16.36
C GLU B 99 3.20 8.69 -17.38
N GLY B 100 3.65 7.73 -18.18
CA GLY B 100 2.83 7.18 -19.25
C GLY B 100 1.65 6.37 -18.80
N ALA B 101 1.56 6.10 -17.50
CA ALA B 101 0.42 5.39 -16.95
C ALA B 101 -0.84 6.22 -17.14
N PHE B 102 -0.86 7.40 -16.52
CA PHE B 102 -1.95 8.35 -16.71
C PHE B 102 -1.37 9.76 -16.83
N PRO B 103 -0.96 10.11 -18.06
CA PRO B 103 -0.22 11.34 -18.40
C PRO B 103 -0.96 12.61 -18.00
N HIS B 104 -2.25 12.51 -17.79
CA HIS B 104 -3.07 13.67 -17.45
C HIS B 104 -3.14 13.87 -15.94
N VAL B 105 -3.67 15.02 -15.54
CA VAL B 105 -3.94 15.29 -14.13
C VAL B 105 -5.14 14.46 -13.71
N ASN B 106 -5.27 14.21 -12.42
CA ASN B 106 -6.33 13.35 -11.91
C ASN B 106 -7.75 13.89 -12.17
N TYR B 107 -7.89 15.21 -12.18
CA TYR B 107 -9.22 15.80 -12.39
C TYR B 107 -9.51 16.05 -13.87
N TYR B 108 -8.56 15.68 -14.72
CA TYR B 108 -8.77 15.68 -16.16
C TYR B 108 -9.05 14.26 -16.63
N ASP B 109 -9.22 13.36 -15.67
CA ASP B 109 -9.49 11.97 -15.98
C ASP B 109 -10.97 11.77 -16.25
N PRO B 110 -11.30 10.99 -17.29
CA PRO B 110 -12.68 10.78 -17.72
C PRO B 110 -13.49 9.93 -16.75
N ASP B 111 -12.88 8.90 -16.18
CA ASP B 111 -13.62 7.91 -15.39
C ASP B 111 -13.65 8.21 -13.90
N ILE B 112 -12.88 9.21 -13.46
CA ILE B 112 -12.82 9.58 -12.04
C ILE B 112 -13.07 11.07 -11.84
N ASN B 113 -14.10 11.41 -11.07
CA ASN B 113 -14.48 12.80 -10.86
C ASN B 113 -13.85 13.40 -9.61
N VAL B 114 -12.86 14.25 -9.81
CA VAL B 114 -12.15 14.89 -8.70
C VAL B 114 -12.65 16.32 -8.50
N SER B 115 -13.27 16.56 -7.35
CA SER B 115 -13.87 17.87 -7.06
C SER B 115 -12.83 18.86 -6.54
N ILE B 116 -11.90 18.37 -5.71
CA ILE B 116 -10.82 19.19 -5.20
C ILE B 116 -9.48 18.47 -5.34
N PRO B 117 -8.67 18.87 -6.32
CA PRO B 117 -7.40 18.20 -6.62
C PRO B 117 -6.34 18.44 -5.55
N VAL B 118 -5.54 17.41 -5.27
CA VAL B 118 -4.50 17.50 -4.24
C VAL B 118 -3.10 17.33 -4.81
N PHE B 119 -2.25 18.32 -4.56
CA PHE B 119 -0.86 18.29 -5.01
C PHE B 119 0.05 18.07 -3.81
N SER B 120 1.12 17.27 -3.98
CA SER B 120 2.02 17.01 -2.86
C SER B 120 3.40 16.54 -3.32
N ILE B 121 4.41 16.92 -2.55
CA ILE B 121 5.78 16.43 -2.74
C ILE B 121 6.14 15.39 -1.67
N HIS B 122 7.26 14.69 -1.86
CA HIS B 122 7.63 13.69 -0.87
C HIS B 122 8.60 14.29 0.15
N GLY B 123 8.39 13.94 1.41
CA GLY B 123 9.23 14.42 2.48
C GLY B 123 10.35 13.45 2.78
N ASN B 124 11.04 13.64 3.89
CA ASN B 124 12.13 12.75 4.27
C ASN B 124 11.64 11.37 4.67
N HIS B 125 10.50 11.31 5.36
CA HIS B 125 9.89 10.03 5.71
C HIS B 125 9.14 9.44 4.52
N ASP B 126 8.53 10.32 3.72
CA ASP B 126 7.74 9.92 2.56
C ASP B 126 8.58 9.49 1.36
N ASP B 127 9.88 9.80 1.42
CA ASP B 127 10.76 9.66 0.26
C ASP B 127 10.72 8.27 -0.36
N PRO B 128 10.94 8.20 -1.68
CA PRO B 128 10.98 6.94 -2.43
C PRO B 128 12.09 6.03 -1.92
N SER B 129 11.90 4.73 -2.03
CA SER B 129 12.88 3.75 -1.56
C SER B 129 12.60 2.35 -2.11
N GLY B 130 13.49 1.41 -1.80
CA GLY B 130 13.33 0.04 -2.25
C GLY B 130 13.82 -0.14 -3.68
N ASP B 131 13.94 -1.40 -4.11
CA ASP B 131 14.41 -1.70 -5.45
C ASP B 131 13.42 -1.21 -6.51
N GLY B 132 12.15 -1.09 -6.12
CA GLY B 132 11.10 -0.63 -7.02
C GLY B 132 11.11 0.87 -7.22
N HIS B 133 11.73 1.58 -6.29
CA HIS B 133 11.96 3.04 -6.38
C HIS B 133 10.70 3.90 -6.31
N LEU B 134 9.58 3.31 -5.89
CA LEU B 134 8.34 4.07 -5.76
C LEU B 134 8.17 4.61 -4.34
N CYS B 135 7.41 5.69 -4.21
CA CYS B 135 7.09 6.24 -2.90
C CYS B 135 5.60 6.03 -2.64
N SER B 136 5.15 6.44 -1.46
CA SER B 136 3.75 6.25 -1.09
C SER B 136 2.85 7.13 -1.93
N LEU B 137 3.36 8.28 -2.35
CA LEU B 137 2.58 9.23 -3.16
C LEU B 137 2.30 8.72 -4.56
N ASP B 138 3.18 7.86 -5.09
CA ASP B 138 2.95 7.26 -6.40
C ASP B 138 1.75 6.32 -6.33
N LEU B 139 1.57 5.67 -5.20
CA LEU B 139 0.46 4.76 -4.99
C LEU B 139 -0.88 5.50 -4.93
N LEU B 140 -0.90 6.62 -4.24
CA LEU B 140 -2.11 7.44 -4.16
C LEU B 140 -2.37 8.12 -5.50
N GLN B 141 -1.30 8.32 -6.27
CA GLN B 141 -1.40 8.97 -7.57
C GLN B 141 -1.96 8.03 -8.63
N VAL B 142 -1.50 6.78 -8.62
CA VAL B 142 -2.03 5.77 -9.52
C VAL B 142 -3.43 5.36 -9.07
N ALA B 143 -3.76 5.68 -7.82
CA ALA B 143 -5.12 5.53 -7.33
C ALA B 143 -5.96 6.69 -7.84
N GLY B 144 -5.28 7.76 -8.24
CA GLY B 144 -5.94 8.93 -8.81
C GLY B 144 -6.32 9.95 -7.75
N LEU B 145 -5.92 9.70 -6.51
CA LEU B 145 -6.29 10.56 -5.39
C LEU B 145 -5.39 11.79 -5.28
N VAL B 146 -4.13 11.64 -5.65
CA VAL B 146 -3.14 12.69 -5.45
C VAL B 146 -2.34 13.02 -6.72
N ASN B 147 -1.77 14.22 -6.75
CA ASN B 147 -0.85 14.60 -7.81
C ASN B 147 0.56 14.85 -7.27
N TYR B 148 1.50 13.98 -7.64
CA TYR B 148 2.84 14.02 -7.10
C TYR B 148 3.84 14.68 -8.07
N PHE B 149 4.20 15.92 -7.77
CA PHE B 149 5.17 16.67 -8.57
C PHE B 149 6.41 16.99 -7.76
N GLY B 150 7.39 17.61 -8.40
CA GLY B 150 8.61 18.01 -7.72
C GLY B 150 9.54 16.84 -7.50
N ARG B 151 9.46 15.85 -8.38
CA ARG B 151 10.38 14.72 -8.34
C ARG B 151 11.81 15.22 -8.57
N VAL B 152 12.74 14.70 -7.77
CA VAL B 152 14.15 15.01 -7.95
C VAL B 152 14.92 13.73 -8.28
N PRO B 153 14.96 13.37 -9.58
CA PRO B 153 15.66 12.16 -10.04
C PRO B 153 17.15 12.21 -9.72
N GLU B 154 17.84 13.22 -10.24
CA GLU B 154 19.26 13.40 -9.98
C GLU B 154 19.50 14.47 -8.93
N ALA B 155 20.08 14.08 -7.80
CA ALA B 155 20.44 15.03 -6.77
C ALA B 155 21.55 15.94 -7.27
N ASP B 156 22.42 15.40 -8.10
CA ASP B 156 23.52 16.15 -8.69
C ASP B 156 23.01 17.25 -9.61
N ASN B 157 22.38 16.84 -10.71
CA ASN B 157 21.82 17.79 -11.66
C ASN B 157 20.32 17.95 -11.45
N ILE B 158 19.89 19.15 -11.10
CA ILE B 158 18.49 19.39 -10.77
C ILE B 158 17.81 20.40 -11.69
N HIS B 159 16.77 19.94 -12.39
CA HIS B 159 15.93 20.82 -13.19
C HIS B 159 14.56 20.94 -12.54
N VAL B 160 14.13 22.17 -12.29
CA VAL B 160 12.84 22.40 -11.64
C VAL B 160 11.85 23.07 -12.58
N LYS B 161 10.95 22.27 -13.14
CA LYS B 161 9.95 22.79 -14.07
C LYS B 161 8.62 23.01 -13.36
N PRO B 162 7.91 24.07 -13.73
CA PRO B 162 6.71 24.49 -13.00
C PRO B 162 5.43 23.85 -13.50
N ILE B 163 4.46 23.72 -12.61
CA ILE B 163 3.09 23.39 -12.98
C ILE B 163 2.27 24.66 -13.11
N LEU B 164 1.79 24.94 -14.32
CA LEU B 164 1.15 26.22 -14.59
C LEU B 164 -0.37 26.11 -14.55
N LEU B 165 -0.98 26.88 -13.64
CA LEU B 165 -2.42 26.84 -13.44
C LEU B 165 -3.03 28.25 -13.44
N GLN B 166 -4.25 28.36 -13.95
CA GLN B 166 -4.91 29.66 -14.06
C GLN B 166 -6.41 29.60 -13.75
N LYS B 167 -6.87 30.51 -12.89
CA LYS B 167 -8.29 30.66 -12.60
C LYS B 167 -8.76 32.08 -12.89
N GLY B 168 -9.58 32.22 -13.93
CA GLY B 168 -10.07 33.53 -14.34
C GLY B 168 -8.96 34.34 -14.98
N LYS B 169 -8.71 35.52 -14.43
CA LYS B 169 -7.65 36.39 -14.95
C LYS B 169 -6.36 36.21 -14.16
N THR B 170 -6.40 35.31 -13.17
CA THR B 170 -5.27 35.07 -12.28
C THR B 170 -4.44 33.87 -12.74
N LYS B 171 -3.17 34.11 -13.05
CA LYS B 171 -2.26 33.05 -13.45
C LYS B 171 -1.31 32.66 -12.33
N LEU B 172 -1.09 31.35 -12.16
CA LEU B 172 -0.27 30.84 -11.07
C LEU B 172 0.76 29.83 -11.53
N ALA B 173 2.04 30.12 -11.30
CA ALA B 173 3.12 29.19 -11.59
C ALA B 173 3.50 28.43 -10.33
N LEU B 174 3.44 27.11 -10.40
CA LEU B 174 3.65 26.27 -9.21
C LEU B 174 4.95 25.48 -9.31
N TYR B 175 5.84 25.74 -8.36
CA TYR B 175 7.15 25.09 -8.32
C TYR B 175 7.25 24.05 -7.21
N GLY B 176 7.85 22.91 -7.53
CA GLY B 176 7.95 21.84 -6.56
C GLY B 176 9.34 21.27 -6.44
N MET B 177 9.73 20.96 -5.21
CA MET B 177 11.04 20.38 -4.93
C MET B 177 11.00 19.56 -3.65
N SER B 178 10.90 18.24 -3.81
CA SER B 178 10.75 17.35 -2.68
C SER B 178 12.03 17.30 -1.83
N ASN B 179 12.00 16.53 -0.75
CA ASN B 179 13.12 16.48 0.18
C ASN B 179 14.33 15.75 -0.40
N VAL B 180 15.49 16.37 -0.23
CA VAL B 180 16.78 15.74 -0.49
C VAL B 180 17.61 15.93 0.78
N ARG B 181 18.51 14.98 1.06
CA ARG B 181 19.32 15.05 2.27
C ARG B 181 19.99 16.43 2.42
N ASP B 182 19.81 17.02 3.60
CA ASP B 182 20.18 18.42 3.84
C ASP B 182 21.66 18.71 3.59
N GLU B 183 22.53 17.76 3.92
CA GLU B 183 23.96 17.98 3.76
C GLU B 183 24.37 18.05 2.29
N ARG B 184 23.69 17.31 1.43
CA ARG B 184 24.05 17.29 0.00
C ARG B 184 23.42 18.43 -0.78
N ILE B 185 22.12 18.65 -0.55
CA ILE B 185 21.38 19.70 -1.24
C ILE B 185 22.00 21.06 -0.94
N HIS B 186 22.72 21.15 0.17
CA HIS B 186 23.45 22.34 0.55
C HIS B 186 24.57 22.64 -0.46
N ARG B 187 25.16 21.59 -1.03
CA ARG B 187 26.31 21.73 -1.91
C ARG B 187 25.94 21.88 -3.39
N THR B 188 24.84 21.24 -3.80
CA THR B 188 24.41 21.32 -5.19
C THR B 188 23.89 22.72 -5.54
N PHE B 189 23.39 23.42 -4.52
CA PHE B 189 22.97 24.80 -4.69
C PHE B 189 24.19 25.71 -4.88
N ARG B 190 25.22 25.48 -4.07
CA ARG B 190 26.45 26.26 -4.14
C ARG B 190 27.11 26.15 -5.50
N ASP B 191 27.06 24.96 -6.09
CA ASP B 191 27.68 24.71 -7.38
C ASP B 191 26.79 25.10 -8.54
N ASN B 192 25.68 25.77 -8.22
CA ASN B 192 24.75 26.26 -9.24
C ASN B 192 24.26 25.13 -10.13
N LYS B 193 23.99 23.97 -9.53
CA LYS B 193 23.60 22.80 -10.29
C LYS B 193 22.10 22.73 -10.54
N VAL B 194 21.35 23.62 -9.89
CA VAL B 194 19.91 23.64 -10.02
C VAL B 194 19.42 24.79 -10.90
N ARG B 195 18.56 24.49 -11.87
CA ARG B 195 18.00 25.50 -12.76
C ARG B 195 16.47 25.50 -12.75
N PHE B 196 15.91 26.65 -12.42
CA PHE B 196 14.44 26.83 -12.41
C PHE B 196 13.93 27.22 -13.78
N TYR B 197 13.01 26.41 -14.32
CA TYR B 197 12.47 26.66 -15.64
C TYR B 197 11.32 27.68 -15.60
N ARG B 198 11.26 28.51 -16.64
CA ARG B 198 10.29 29.61 -16.68
C ARG B 198 9.44 29.59 -17.94
N PRO B 199 8.18 30.01 -17.81
CA PRO B 199 7.35 30.38 -18.96
C PRO B 199 7.73 31.78 -19.41
N SER B 200 7.67 32.09 -20.69
CA SER B 200 8.20 33.36 -21.18
C SER B 200 7.13 34.34 -21.64
N GLN B 201 6.11 33.82 -22.32
CA GLN B 201 5.12 34.65 -22.97
C GLN B 201 4.38 35.56 -21.99
N GLN B 202 3.91 35.00 -20.88
CA GLN B 202 3.25 35.78 -19.86
C GLN B 202 4.08 35.78 -18.58
N THR B 203 5.40 35.84 -18.75
CA THR B 203 6.34 35.57 -17.66
C THR B 203 6.23 36.50 -16.45
N GLY B 204 5.81 37.74 -16.67
CA GLY B 204 5.78 38.73 -15.60
C GLY B 204 4.58 38.58 -14.69
N ASP B 205 3.42 38.29 -15.27
CA ASP B 205 2.17 38.21 -14.52
C ASP B 205 2.12 37.05 -13.55
N TRP B 206 2.89 35.99 -13.85
CA TRP B 206 2.87 34.76 -13.06
C TRP B 206 3.16 35.00 -11.58
N PHE B 207 2.24 34.57 -10.73
CA PHE B 207 2.51 34.51 -9.30
C PHE B 207 3.30 33.22 -9.06
N ASN B 208 4.53 33.36 -8.59
CA ASN B 208 5.42 32.21 -8.43
C ASN B 208 5.40 31.65 -7.02
N LEU B 209 5.11 30.35 -6.93
CA LEU B 209 4.98 29.68 -5.64
C LEU B 209 5.85 28.42 -5.57
N LEU B 210 6.60 28.31 -4.48
CA LEU B 210 7.51 27.19 -4.26
C LEU B 210 7.26 26.50 -2.92
N THR B 211 7.39 25.18 -2.89
CA THR B 211 7.28 24.44 -1.63
C THR B 211 8.43 23.43 -1.52
N LEU B 212 9.11 23.44 -0.36
CA LEU B 212 10.26 22.57 -0.16
C LEU B 212 10.21 21.87 1.20
N HIS B 213 11.12 20.92 1.42
CA HIS B 213 11.11 20.12 2.63
C HIS B 213 12.53 19.91 3.19
N GLN B 214 13.08 20.96 3.77
CA GLN B 214 14.44 20.91 4.34
C GLN B 214 14.49 21.53 5.73
N ASN B 215 15.61 21.32 6.42
CA ASN B 215 15.86 21.99 7.68
C ASN B 215 15.91 23.49 7.46
N HIS B 216 15.14 24.26 8.22
CA HIS B 216 15.18 25.72 8.11
C HIS B 216 16.53 26.22 8.63
N TYR B 217 16.83 25.85 9.87
CA TYR B 217 18.14 26.08 10.44
C TYR B 217 18.66 24.76 10.98
N ALA B 218 19.97 24.58 10.97
CA ALA B 218 20.55 23.29 11.35
C ALA B 218 21.41 23.34 12.60
N HIS B 219 21.52 22.18 13.24
CA HIS B 219 22.44 21.98 14.35
C HIS B 219 23.84 21.82 13.79
N THR B 220 23.94 21.12 12.67
CA THR B 220 25.20 20.99 11.95
C THR B 220 25.43 22.25 11.09
N PRO B 221 26.69 22.53 10.74
CA PRO B 221 26.93 23.73 9.93
C PRO B 221 26.64 23.54 8.44
N THR B 222 26.28 22.33 8.04
CA THR B 222 26.07 22.02 6.63
C THR B 222 24.67 21.47 6.36
N GLY B 223 23.95 21.17 7.44
CA GLY B 223 22.69 20.47 7.33
C GLY B 223 21.41 21.29 7.22
N TYR B 224 21.51 22.51 6.70
CA TYR B 224 20.31 23.32 6.44
C TYR B 224 20.37 23.94 5.06
N LEU B 225 19.30 24.66 4.71
CA LEU B 225 19.23 25.39 3.46
C LEU B 225 18.95 26.87 3.74
N SER B 226 19.89 27.73 3.38
CA SER B 226 19.76 29.16 3.61
C SER B 226 18.76 29.77 2.64
N GLU B 227 17.92 30.68 3.15
CA GLU B 227 16.90 31.34 2.34
C GLU B 227 17.50 32.13 1.19
N ASN B 228 18.68 32.68 1.41
CA ASN B 228 19.32 33.59 0.46
C ASN B 228 19.69 32.93 -0.88
N MET B 229 19.68 31.61 -0.92
CA MET B 229 20.11 30.86 -2.11
C MET B 229 19.00 30.71 -3.15
N LEU B 230 17.77 31.01 -2.76
CA LEU B 230 16.63 30.90 -3.67
C LEU B 230 16.50 32.16 -4.53
N PRO B 231 15.97 32.01 -5.76
CA PRO B 231 15.81 33.14 -6.70
C PRO B 231 14.91 34.25 -6.15
N ASP B 232 15.07 35.46 -6.68
CA ASP B 232 14.34 36.62 -6.17
C ASP B 232 12.96 36.79 -6.81
N PHE B 233 12.76 36.19 -7.97
CA PHE B 233 11.52 36.39 -8.72
C PHE B 233 10.35 35.72 -8.03
N LEU B 234 10.64 34.74 -7.18
CA LEU B 234 9.60 34.05 -6.43
C LEU B 234 8.90 35.01 -5.48
N ASP B 235 7.61 34.75 -5.24
CA ASP B 235 6.77 35.65 -4.44
C ASP B 235 6.58 35.16 -3.00
N LEU B 236 6.36 33.86 -2.85
CA LEU B 236 6.10 33.26 -1.54
C LEU B 236 6.64 31.83 -1.48
N VAL B 237 7.07 31.41 -0.29
CA VAL B 237 7.60 30.06 -0.08
C VAL B 237 6.98 29.36 1.13
N ILE B 238 6.61 28.10 0.94
CA ILE B 238 6.08 27.27 2.02
C ILE B 238 7.17 26.34 2.54
N TRP B 239 7.53 26.49 3.81
CA TRP B 239 8.59 25.68 4.42
C TRP B 239 8.02 24.40 5.05
N GLY B 240 8.61 23.25 4.71
CA GLY B 240 8.02 21.98 5.06
C GLY B 240 8.57 21.27 6.26
N HIS B 241 9.79 20.76 6.13
CA HIS B 241 10.39 19.83 7.09
C HIS B 241 10.39 20.31 8.54
N GLU B 242 10.11 21.59 8.75
CA GLU B 242 10.05 22.13 10.10
C GLU B 242 8.65 21.97 10.69
N HIS B 243 8.60 21.58 11.95
CA HIS B 243 7.33 21.25 12.60
C HIS B 243 6.83 22.37 13.51
N GLU B 244 7.57 23.46 13.59
CA GLU B 244 7.13 24.60 14.41
C GLU B 244 6.19 25.50 13.61
N CYS B 245 4.97 25.66 14.10
CA CYS B 245 3.97 26.43 13.40
C CYS B 245 4.30 27.93 13.39
N LEU B 246 4.86 28.39 12.27
CA LEU B 246 5.05 29.81 12.03
C LEU B 246 4.31 30.19 10.75
N ILE B 247 2.99 30.01 10.79
CA ILE B 247 2.15 30.17 9.61
C ILE B 247 2.09 31.63 9.14
N ASP B 248 2.50 32.56 10.01
CA ASP B 248 2.50 33.97 9.66
C ASP B 248 3.68 34.29 8.74
N PRO B 249 3.39 34.83 7.55
CA PRO B 249 4.39 35.09 6.49
C PRO B 249 5.33 36.27 6.75
N LYS B 250 6.57 35.97 7.12
CA LYS B 250 7.59 37.00 7.26
C LYS B 250 8.19 37.35 5.90
N LYS B 251 8.46 38.62 5.69
CA LYS B 251 9.08 39.05 4.44
C LYS B 251 10.60 39.04 4.55
N ASN B 252 11.26 38.48 3.55
CA ASN B 252 12.71 38.49 3.50
C ASN B 252 13.22 39.66 2.67
N PRO B 253 14.06 40.52 3.27
CA PRO B 253 14.52 41.76 2.65
C PRO B 253 15.41 41.54 1.43
N GLU B 254 16.47 40.75 1.58
CA GLU B 254 17.43 40.53 0.50
C GLU B 254 16.76 39.93 -0.72
N THR B 255 15.92 38.93 -0.49
CA THR B 255 15.30 38.19 -1.57
C THR B 255 14.07 38.91 -2.11
N GLY B 256 13.22 39.38 -1.21
CA GLY B 256 12.02 40.12 -1.59
C GLY B 256 10.74 39.32 -1.50
N PHE B 257 10.84 38.04 -1.14
CA PHE B 257 9.65 37.21 -1.01
C PHE B 257 9.29 36.94 0.45
N HIS B 258 8.09 36.43 0.67
CA HIS B 258 7.63 36.07 2.01
C HIS B 258 7.84 34.58 2.24
N VAL B 259 7.94 34.19 3.51
CA VAL B 259 8.14 32.79 3.86
C VAL B 259 7.15 32.33 4.93
N MET B 260 6.49 31.21 4.66
CA MET B 260 5.53 30.61 5.59
C MET B 260 6.02 29.25 6.07
N GLN B 261 5.94 29.02 7.39
CA GLN B 261 6.32 27.74 7.97
C GLN B 261 5.16 27.15 8.77
N PRO B 262 4.26 26.42 8.08
CA PRO B 262 3.03 25.84 8.64
C PRO B 262 3.25 24.93 9.86
N GLY B 263 4.38 24.25 9.90
CA GLY B 263 4.65 23.29 10.96
C GLY B 263 3.85 22.02 10.74
N SER B 264 4.06 21.04 11.61
CA SER B 264 3.40 19.74 11.49
C SER B 264 1.92 19.78 11.88
N SER B 265 1.28 18.62 11.83
CA SER B 265 -0.13 18.49 12.17
C SER B 265 -0.30 17.93 13.59
N ILE B 266 0.61 17.05 13.99
CA ILE B 266 0.69 16.54 15.36
C ILE B 266 2.13 16.59 15.85
N ALA B 267 2.32 16.53 17.17
CA ALA B 267 3.67 16.59 17.75
C ALA B 267 4.42 15.27 17.59
N THR B 268 5.49 15.30 16.81
CA THR B 268 6.32 14.10 16.63
C THR B 268 7.45 14.07 17.64
N SER B 269 7.59 15.17 18.39
CA SER B 269 8.62 15.30 19.42
C SER B 269 8.12 16.22 20.54
N LEU B 270 8.55 15.95 21.78
CA LEU B 270 8.10 16.76 22.90
C LEU B 270 9.10 17.89 23.20
N VAL B 271 9.13 18.87 22.30
CA VAL B 271 9.96 20.06 22.43
C VAL B 271 9.09 21.29 22.18
N PRO B 272 9.46 22.44 22.76
CA PRO B 272 8.68 23.68 22.67
C PRO B 272 8.25 24.07 21.26
N GLY B 273 9.05 23.71 20.26
CA GLY B 273 8.70 23.98 18.87
C GLY B 273 7.44 23.25 18.46
N GLU B 274 7.23 22.07 19.02
CA GLU B 274 6.03 21.28 18.76
C GLU B 274 4.90 21.68 19.69
N ALA B 275 5.23 22.48 20.70
CA ALA B 275 4.22 22.98 21.63
C ALA B 275 3.47 24.17 21.05
N VAL B 276 4.09 24.83 20.07
CA VAL B 276 3.46 25.94 19.38
C VAL B 276 2.18 25.48 18.70
N PRO B 277 1.03 26.08 19.10
CA PRO B 277 -0.31 25.71 18.60
C PRO B 277 -0.34 25.58 17.08
N LYS B 278 -0.89 24.48 16.57
CA LYS B 278 -0.76 24.15 15.15
C LYS B 278 -1.94 24.59 14.31
N HIS B 279 -1.62 25.25 13.20
CA HIS B 279 -2.64 25.79 12.31
C HIS B 279 -2.46 25.29 10.89
N ILE B 280 -3.45 25.58 10.06
CA ILE B 280 -3.33 25.51 8.62
C ILE B 280 -3.83 26.83 8.06
N ALA B 281 -3.50 27.14 6.81
CA ALA B 281 -3.82 28.44 6.27
C ALA B 281 -4.67 28.35 5.00
N ILE B 282 -5.75 29.15 4.96
CA ILE B 282 -6.50 29.36 3.74
C ILE B 282 -5.83 30.45 2.94
N LEU B 283 -4.94 30.04 2.05
CA LEU B 283 -4.16 30.95 1.24
C LEU B 283 -4.91 31.32 -0.03
N SER B 284 -5.42 32.54 -0.08
CA SER B 284 -6.17 32.99 -1.25
C SER B 284 -5.32 33.93 -2.12
N ILE B 285 -5.14 33.53 -3.38
CA ILE B 285 -4.31 34.27 -4.32
C ILE B 285 -5.13 35.06 -5.34
N THR B 286 -4.92 36.36 -5.38
CA THR B 286 -5.61 37.22 -6.33
C THR B 286 -4.59 38.06 -7.11
N GLY B 287 -4.53 37.84 -8.42
CA GLY B 287 -3.58 38.56 -9.26
C GLY B 287 -2.14 38.23 -8.89
N LYS B 288 -1.45 39.19 -8.31
CA LYS B 288 -0.09 38.99 -7.83
C LYS B 288 -0.04 39.19 -6.32
N SER B 289 -1.22 39.31 -5.72
CA SER B 289 -1.32 39.50 -4.27
C SER B 289 -1.95 38.28 -3.61
N PHE B 290 -1.43 37.90 -2.44
CA PHE B 290 -1.94 36.76 -1.70
C PHE B 290 -2.60 37.19 -0.38
N GLU B 291 -3.60 36.43 0.04
CA GLU B 291 -4.27 36.69 1.32
C GLU B 291 -4.19 35.44 2.18
N VAL B 292 -3.63 35.57 3.38
CA VAL B 292 -3.47 34.43 4.27
C VAL B 292 -4.51 34.41 5.37
N GLU B 293 -5.32 33.35 5.39
CA GLU B 293 -6.26 33.13 6.46
C GLU B 293 -5.89 31.87 7.22
N LYS B 294 -5.28 32.04 8.39
CA LYS B 294 -4.83 30.88 9.15
C LYS B 294 -5.97 30.29 9.97
N ILE B 295 -6.07 28.97 9.96
CA ILE B 295 -7.12 28.25 10.65
C ILE B 295 -6.54 27.25 11.65
N PRO B 296 -6.87 27.44 12.93
CA PRO B 296 -6.36 26.59 14.02
C PRO B 296 -6.96 25.20 14.02
N LEU B 297 -6.19 24.21 14.45
CA LEU B 297 -6.65 22.82 14.51
C LEU B 297 -7.23 22.48 15.88
N ARG B 298 -8.39 21.84 15.88
CA ARG B 298 -9.10 21.52 17.12
C ARG B 298 -8.78 20.13 17.66
N THR B 299 -8.57 19.18 16.76
CA THR B 299 -8.35 17.78 17.14
C THR B 299 -6.93 17.52 17.65
N VAL B 300 -6.13 18.57 17.72
CA VAL B 300 -4.75 18.44 18.19
C VAL B 300 -4.71 18.28 19.71
N ARG B 301 -4.07 17.20 20.15
CA ARG B 301 -3.92 16.89 21.56
C ARG B 301 -3.21 18.01 22.33
N PRO B 302 -3.79 18.41 23.48
CA PRO B 302 -3.18 19.42 24.35
C PRO B 302 -1.76 19.04 24.77
N PHE B 303 -0.81 19.94 24.61
CA PHE B 303 0.58 19.66 24.93
C PHE B 303 1.22 20.80 25.72
N VAL B 304 1.76 20.47 26.89
CA VAL B 304 2.40 21.46 27.75
C VAL B 304 3.81 20.99 28.14
N ILE B 305 4.78 21.88 28.05
CA ILE B 305 6.17 21.55 28.36
C ILE B 305 6.83 22.69 29.15
N ARG B 306 7.67 22.33 30.12
CA ARG B 306 8.40 23.32 30.92
C ARG B 306 9.85 22.88 31.19
N GLU B 307 10.67 23.82 31.65
CA GLU B 307 12.08 23.55 31.93
C GLU B 307 12.45 23.98 33.34
N ILE B 308 13.02 23.07 34.12
CA ILE B 308 13.36 23.34 35.51
C ILE B 308 14.80 22.97 35.85
N THR B 309 15.58 23.97 36.27
CA THR B 309 16.92 23.73 36.77
C THR B 309 16.87 23.69 38.29
N LEU B 310 16.83 22.47 38.84
CA LEU B 310 16.56 22.26 40.26
C LEU B 310 17.45 23.05 41.22
N ALA B 311 18.71 23.26 40.82
CA ALA B 311 19.65 23.97 41.67
C ALA B 311 19.28 25.45 41.79
N THR B 312 18.98 26.07 40.65
CA THR B 312 18.69 27.51 40.60
C THR B 312 17.22 27.82 40.82
N ASP B 313 16.41 26.78 40.99
CA ASP B 313 14.97 26.98 41.13
C ASP B 313 14.62 27.68 42.45
N LYS B 314 13.53 28.45 42.40
CA LYS B 314 13.08 29.26 43.53
C LYS B 314 12.63 28.41 44.72
N ARG B 315 12.14 27.21 44.43
CA ARG B 315 11.49 26.38 45.45
C ARG B 315 12.43 25.34 46.06
N PHE B 316 13.31 24.78 45.23
CA PHE B 316 14.16 23.67 45.65
C PHE B 316 15.46 24.08 46.32
N LYS B 317 15.79 25.37 46.27
CA LYS B 317 17.09 25.86 46.69
C LYS B 317 17.49 25.43 48.10
N GLY B 318 16.55 25.44 49.03
CA GLY B 318 16.83 25.16 50.42
C GLY B 318 16.88 23.69 50.81
N LEU B 319 15.79 22.98 50.51
CA LEU B 319 15.62 21.59 50.95
C LEU B 319 16.70 20.63 50.44
N GLU B 320 17.23 20.92 49.26
CA GLU B 320 18.00 19.95 48.51
C GLU B 320 19.51 20.01 48.63
N LYS B 321 20.00 21.21 48.83
CA LYS B 321 21.43 21.38 48.98
C LYS B 321 21.90 20.80 50.31
N LYS B 322 21.10 21.01 51.35
CA LYS B 322 21.46 20.53 52.68
C LYS B 322 21.26 19.03 52.85
N GLN B 323 20.06 18.58 52.53
CA GLN B 323 19.57 17.29 53.02
C GLN B 323 19.65 16.13 52.03
N ASP B 324 19.38 16.41 50.76
CA ASP B 324 19.18 15.36 49.78
C ASP B 324 18.06 14.44 50.25
N ASN B 325 16.83 14.94 50.17
CA ASN B 325 15.67 14.15 50.56
C ASN B 325 14.82 13.82 49.34
N ARG B 326 14.99 12.61 48.83
CA ARG B 326 14.39 12.19 47.56
C ARG B 326 12.87 12.19 47.58
N GLN B 327 12.28 11.63 48.64
CA GLN B 327 10.82 11.52 48.73
C GLN B 327 10.15 12.89 48.69
N GLU B 328 10.81 13.90 49.24
CA GLU B 328 10.26 15.25 49.24
C GLU B 328 10.40 15.88 47.87
N VAL B 329 11.41 15.46 47.12
CA VAL B 329 11.61 15.91 45.76
C VAL B 329 10.36 15.64 44.92
N THR B 330 9.77 14.47 45.12
CA THR B 330 8.51 14.13 44.48
C THR B 330 7.45 15.19 44.72
N LYS B 331 7.01 15.30 45.97
CA LYS B 331 5.91 16.19 46.35
C LYS B 331 5.99 17.60 45.77
N ARG B 332 7.18 18.18 45.81
CA ARG B 332 7.40 19.50 45.23
C ARG B 332 7.22 19.45 43.71
N LEU B 333 7.74 18.39 43.10
CA LEU B 333 7.59 18.18 41.66
C LEU B 333 6.17 17.75 41.33
N MET B 334 5.54 17.03 42.24
CA MET B 334 4.15 16.61 42.06
C MET B 334 3.25 17.81 41.85
N GLN B 335 3.44 18.81 42.71
CA GLN B 335 2.64 20.03 42.67
C GLN B 335 2.76 20.76 41.34
N ILE B 336 3.95 20.72 40.74
CA ILE B 336 4.20 21.41 39.48
C ILE B 336 3.49 20.74 38.31
N VAL B 337 3.62 19.42 38.21
CA VAL B 337 3.00 18.66 37.12
C VAL B 337 1.48 18.81 37.14
N GLU B 338 0.91 18.90 38.33
CA GLU B 338 -0.53 19.01 38.48
C GLU B 338 -1.04 20.38 38.07
N GLU B 339 -0.15 21.38 38.08
CA GLU B 339 -0.53 22.72 37.64
C GLU B 339 -0.41 22.85 36.13
N MET B 340 0.40 21.99 35.53
CA MET B 340 0.56 21.94 34.08
C MET B 340 -0.65 21.26 33.43
N ILE B 341 -1.03 20.12 34.01
CA ILE B 341 -2.24 19.42 33.59
C ILE B 341 -3.45 20.32 33.73
N ALA B 342 -3.47 21.11 34.80
CA ALA B 342 -4.57 22.03 35.07
C ALA B 342 -4.74 23.03 33.93
N GLU B 343 -3.64 23.63 33.50
CA GLU B 343 -3.71 24.61 32.42
C GLU B 343 -3.92 23.91 31.08
N ALA B 344 -3.49 22.65 30.99
CA ALA B 344 -3.64 21.88 29.76
C ALA B 344 -5.10 21.61 29.46
N ASN B 345 -5.87 21.35 30.50
CA ASN B 345 -7.30 21.09 30.36
C ASN B 345 -8.08 22.36 30.10
N GLU B 346 -7.59 23.47 30.62
CA GLU B 346 -8.26 24.76 30.46
C GLU B 346 -8.19 25.27 29.03
N MET B 347 -7.02 25.11 28.39
CA MET B 347 -6.85 25.49 27.00
C MET B 347 -7.85 24.77 26.12
N TRP B 348 -7.95 23.46 26.32
CA TRP B 348 -8.90 22.63 25.60
C TRP B 348 -10.33 23.09 25.86
N ARG B 349 -10.63 23.35 27.13
CA ARG B 349 -11.96 23.80 27.56
C ARG B 349 -12.34 25.10 26.87
N SER B 350 -11.41 26.06 26.88
CA SER B 350 -11.66 27.36 26.27
C SER B 350 -11.83 27.25 24.76
N LEU B 351 -10.96 26.48 24.12
CA LEU B 351 -10.97 26.36 22.67
C LEU B 351 -12.21 25.64 22.14
N HIS B 352 -12.81 24.80 22.97
CA HIS B 352 -13.99 24.04 22.55
C HIS B 352 -15.25 24.56 23.24
N GLU B 353 -15.14 25.73 23.85
CA GLU B 353 -16.30 26.46 24.36
C GLU B 353 -17.10 27.01 23.18
N ASP B 354 -16.39 27.30 22.10
CA ASP B 354 -16.96 27.97 20.93
C ASP B 354 -18.10 27.17 20.30
N SER B 355 -17.87 25.89 20.06
CA SER B 355 -18.84 25.10 19.32
C SER B 355 -19.34 23.88 20.09
N GLN B 356 -20.59 23.49 19.82
CA GLN B 356 -21.19 22.33 20.46
C GLN B 356 -20.94 21.05 19.69
N ASP B 357 -19.68 20.73 19.46
CA ASP B 357 -19.30 19.48 18.83
C ASP B 357 -19.52 18.33 19.81
N ASP B 358 -19.57 18.67 21.10
CA ASP B 358 -19.83 17.71 22.16
C ASP B 358 -20.95 18.19 23.09
N GLN B 363 -12.99 15.09 27.07
CA GLN B 363 -11.76 15.62 26.50
C GLN B 363 -10.62 14.62 26.62
N PRO B 364 -9.67 14.68 25.67
CA PRO B 364 -8.54 13.75 25.65
C PRO B 364 -7.52 14.00 26.77
N LEU B 365 -6.84 12.93 27.20
CA LEU B 365 -5.78 13.06 28.19
C LEU B 365 -4.60 13.80 27.59
N PRO B 366 -4.23 14.94 28.19
CA PRO B 366 -3.22 15.84 27.65
C PRO B 366 -1.82 15.26 27.61
N LEU B 367 -0.89 16.03 27.08
CA LEU B 367 0.53 15.67 27.03
C LEU B 367 1.33 16.56 27.96
N ILE B 368 2.06 15.97 28.89
CA ILE B 368 2.82 16.74 29.86
C ILE B 368 4.29 16.35 29.85
N ARG B 369 5.17 17.34 29.69
CA ARG B 369 6.61 17.11 29.64
C ARG B 369 7.40 18.04 30.57
N LEU B 370 8.26 17.45 31.39
CA LEU B 370 9.19 18.22 32.21
C LEU B 370 10.63 17.79 31.96
N LYS B 371 11.50 18.77 31.72
CA LYS B 371 12.91 18.50 31.48
C LYS B 371 13.75 19.12 32.60
N VAL B 372 14.62 18.32 33.21
CA VAL B 372 15.30 18.73 34.44
C VAL B 372 16.79 18.42 34.50
N GLU B 373 17.56 19.41 34.94
CA GLU B 373 18.96 19.16 35.32
C GLU B 373 19.18 19.51 36.78
N TYR B 374 19.89 18.62 37.47
CA TYR B 374 20.23 18.88 38.86
C TYR B 374 21.74 18.84 39.05
N SER B 375 22.27 19.82 39.77
CA SER B 375 23.71 19.92 39.99
C SER B 375 24.05 19.96 41.48
N SER B 376 25.00 19.12 41.87
CA SER B 376 25.43 19.06 43.25
C SER B 376 26.92 19.34 43.35
N PRO B 377 27.29 20.49 43.91
CA PRO B 377 28.69 20.85 44.09
C PRO B 377 29.40 19.94 45.10
N GLU B 378 28.74 19.65 46.21
CA GLU B 378 29.38 18.89 47.29
C GLU B 378 28.45 17.85 47.93
N GLY B 379 28.03 16.87 47.14
CA GLY B 379 27.18 15.82 47.65
C GLY B 379 25.81 16.33 48.08
N THR B 380 25.37 17.40 47.42
CA THR B 380 24.04 17.95 47.66
C THR B 380 23.06 17.31 46.69
N LYS B 381 23.43 16.13 46.21
CA LYS B 381 22.81 15.51 45.04
C LYS B 381 21.31 15.30 45.15
N PHE B 382 20.57 15.87 44.20
CA PHE B 382 19.16 15.57 44.04
C PHE B 382 19.08 14.10 43.62
N GLU B 383 18.13 13.37 44.17
CA GLU B 383 17.99 11.97 43.78
C GLU B 383 16.89 11.83 42.73
N VAL B 384 17.30 11.49 41.52
CA VAL B 384 16.37 11.32 40.41
C VAL B 384 15.78 9.91 40.41
N GLU B 385 14.47 9.83 40.66
CA GLU B 385 13.78 8.55 40.66
C GLU B 385 13.85 7.89 39.28
N ASN B 386 13.72 6.57 39.27
CA ASN B 386 13.74 5.80 38.03
C ASN B 386 12.71 6.34 37.05
N PRO B 387 13.19 6.75 35.85
CA PRO B 387 12.41 7.44 34.82
C PRO B 387 11.03 6.84 34.59
N GLN B 388 10.94 5.52 34.52
CA GLN B 388 9.67 4.85 34.28
C GLN B 388 8.71 5.00 35.46
N ARG B 389 9.23 4.89 36.68
CA ARG B 389 8.41 4.93 37.89
C ARG B 389 7.70 6.27 38.10
N PHE B 390 8.43 7.37 37.95
CA PHE B 390 7.86 8.68 38.18
C PHE B 390 6.76 9.00 37.18
N SER B 391 7.00 8.66 35.92
CA SER B 391 6.05 8.96 34.86
C SER B 391 4.78 8.12 34.96
N ASN B 392 4.92 6.88 35.40
CA ASN B 392 3.80 5.93 35.44
C ASN B 392 2.72 6.30 36.47
N ARG B 393 3.10 7.07 37.47
CA ARG B 393 2.20 7.39 38.57
C ARG B 393 1.05 8.30 38.12
N PHE B 394 1.17 8.85 36.92
CA PHE B 394 0.13 9.71 36.36
C PHE B 394 -0.68 8.97 35.31
N ALA B 395 -0.73 7.64 35.43
CA ALA B 395 -1.49 6.82 34.50
C ALA B 395 -2.97 7.15 34.58
N GLY B 396 -3.52 7.66 33.49
CA GLY B 396 -4.93 8.03 33.43
C GLY B 396 -5.14 9.52 33.47
N LYS B 397 -4.05 10.27 33.55
CA LYS B 397 -4.12 11.73 33.57
C LYS B 397 -3.38 12.35 32.39
N VAL B 398 -2.38 11.62 31.90
CA VAL B 398 -1.64 12.06 30.71
C VAL B 398 -1.67 10.97 29.65
N ALA B 399 -1.36 11.36 28.42
CA ALA B 399 -1.30 10.42 27.30
C ALA B 399 0.06 9.75 27.25
N ASN B 400 1.09 10.50 27.61
CA ASN B 400 2.44 9.97 27.67
C ASN B 400 2.75 9.38 29.04
N GLN B 401 2.22 8.19 29.30
CA GLN B 401 2.34 7.57 30.61
C GLN B 401 3.78 7.25 30.98
N ASN B 402 4.58 6.82 30.00
CA ASN B 402 5.96 6.44 30.25
C ASN B 402 6.94 7.59 30.10
N ASP B 403 6.54 8.64 29.38
CA ASP B 403 7.49 9.67 28.97
C ASP B 403 7.22 11.04 29.55
N VAL B 404 6.85 11.10 30.84
CA VAL B 404 6.47 12.38 31.42
C VAL B 404 7.67 13.31 31.65
N VAL B 405 8.73 12.81 32.27
CA VAL B 405 9.84 13.69 32.67
C VAL B 405 11.24 13.19 32.26
N HIS B 406 12.11 14.14 31.92
CA HIS B 406 13.49 13.86 31.54
C HIS B 406 14.48 14.44 32.55
N PHE B 407 15.49 13.65 32.92
CA PHE B 407 16.53 14.10 33.85
C PHE B 407 17.92 13.94 33.24
N TYR B 408 18.77 14.96 33.41
CA TYR B 408 20.11 14.92 32.83
C TYR B 408 21.08 15.90 33.51
N ARG B 409 22.35 15.82 33.16
CA ARG B 409 23.36 16.76 33.64
C ARG B 409 24.22 17.26 32.48
N LYS B 410 24.50 18.56 32.47
CA LYS B 410 25.15 19.22 31.35
C LYS B 410 26.65 19.44 31.57
N LYS B 411 27.39 18.35 31.69
CA LYS B 411 28.84 18.42 31.82
C LYS B 411 29.52 17.23 31.14
N THR B 412 30.01 17.46 29.92
CA THR B 412 30.73 16.42 29.18
C THR B 412 31.97 17.00 28.48
MN MN C . -1.86 -19.80 -3.81
MN MN D . -3.07 -20.51 -1.61
MN MN E . 8.10 16.06 9.42
MN MN F . 10.30 16.12 7.43
#